data_2FJU
#
_entry.id   2FJU
#
_cell.length_a   185.822
_cell.length_b   185.822
_cell.length_c   93.823
_cell.angle_alpha   90.00
_cell.angle_beta   90.00
_cell.angle_gamma   120.00
#
_symmetry.space_group_name_H-M   'P 32 2 1'
#
loop_
_entity.id
_entity.type
_entity.pdbx_description
1 polymer 'Ras-related C3 botulinum toxin substrate 1'
2 polymer '1-phosphatidylinositol-4,5-bisphosphate phosphodiesterase beta 2'
3 non-polymer 'MAGNESIUM ION'
4 non-polymer "5'-GUANOSINE-DIPHOSPHATE-MONOTHIOPHOSPHATE"
5 non-polymer 'CALCIUM ION'
6 water water
#
loop_
_entity_poly.entity_id
_entity_poly.type
_entity_poly.pdbx_seq_one_letter_code
_entity_poly.pdbx_strand_id
1 'polypeptide(L)'
;MQAIKCVVVGDGAVGKTCLLISYTTNAFPGEYIPTVFDNYSANVMVDGKPVNLGLWDTAGQEDYDRLRPLSYPQTDVFLI
CFSLVSPASFENVRAKWYPEVRHHCPNTPIILVGTKLDLRDDKDTIEKLKEKKLTPITYPQGLAMAKEIGAVKYLECSAL
TQRGLKTVFDEAIRAVLS
;
A
2 'polypeptide(L)'
;MSLLNPVLLPPKVKAYLSQGERFIKWDDETTVASPVILRVDPKGYYLYWTYQSKEMEFLDITSIRDTRFGKFAKMPKSQK
LRDVFNMDFPDNSFLLKTLTVVSGPDMVDLTFHNFVSYKENVGKAWAEDVLALVKHPLTANASRSTFLDKILVKLKMQLN
SEGKIPVKNFFQMFPADRKRVEAALSACHLPKGKNDAINPEDFPEPVYKSFLMSLCPRPEIDEIFTSYHAKAKPYMTKEH
LTKFINQKQRDSRLNSLLFPPARPDQVQGLIDKYEPSGINAQRGQLSPEGMVWFLCGPENSVLAQDKLLLHHDMTQPLNH
YFINSSHNTYLTAGQFSGLSSAEMYRQVLLSGCRCVELDCWKGKPPDEEPIITHGFTMTTDIFFKEAIEAIAESAFKTSP
YPIILSFENHVDSPRQQAKMAEYCRTIFGDMLLTEPLEKFPLKPGVPLPSPEDLRGKILIKNKKNQFSGPTSSSKDTGGE
AEGSSPPSAPAVWAGEEGTELEEEEVEEEEEEESGNLDEEEIKKMQSDEGTAGLEVTAYEEMSSLVNYIQPTKFVSFEFS
AQKNRSYVISSFTELKAYDLLSKASVQFVDYNKRQMSRIYPKGTRMDSSNYMPQMFWNAGCQMVALNFQTMDLPMQQNMA
VFEFNGQSGYLLKHEFMRRPDKQFNPFSVDRIDVVVATTLSITVISGQFLSERSVRTYVEVELFGLPGDPKRRYRTKLSP
STNSINPVWKEEPFVFEKILMPELASLRVAVMEEGNKFLGHRIIPINALNSGYHHLCLHSESNMPLTMPALFIFLEMKD
;
B
#
loop_
_chem_comp.id
_chem_comp.type
_chem_comp.name
_chem_comp.formula
CA non-polymer 'CALCIUM ION' 'Ca 2'
GSP non-polymer 5'-GUANOSINE-DIPHOSPHATE-MONOTHIOPHOSPHATE 'C10 H16 N5 O13 P3 S'
MG non-polymer 'MAGNESIUM ION' 'Mg 2'
#
# COMPACT_ATOMS: atom_id res chain seq x y z
N MET A 1 -36.23 -3.09 13.58
CA MET A 1 -35.25 -2.52 14.55
C MET A 1 -34.94 -1.07 14.20
N GLN A 2 -35.82 -0.17 14.61
CA GLN A 2 -35.65 1.26 14.32
C GLN A 2 -34.43 1.86 15.01
N ALA A 3 -33.54 2.46 14.22
CA ALA A 3 -32.32 3.07 14.74
C ALA A 3 -32.50 4.57 14.91
N ILE A 4 -31.89 5.12 15.95
CA ILE A 4 -31.99 6.55 16.22
C ILE A 4 -30.64 7.16 16.54
N LYS A 5 -30.32 8.28 15.89
CA LYS A 5 -29.06 8.96 16.14
C LYS A 5 -29.29 10.15 17.07
N CYS A 6 -28.79 10.03 18.29
CA CYS A 6 -28.94 11.08 19.30
C CYS A 6 -27.57 11.68 19.64
N VAL A 7 -27.39 12.96 19.32
CA VAL A 7 -26.14 13.66 19.57
C VAL A 7 -26.23 14.52 20.83
N VAL A 8 -25.25 14.38 21.70
CA VAL A 8 -25.21 15.10 22.97
C VAL A 8 -24.17 16.21 22.96
N VAL A 9 -24.63 17.45 23.18
CA VAL A 9 -23.73 18.60 23.20
C VAL A 9 -23.90 19.47 24.44
N GLY A 10 -22.94 20.35 24.68
CA GLY A 10 -22.98 21.23 25.83
C GLY A 10 -21.57 21.58 26.29
N ASP A 11 -21.45 22.59 27.16
CA ASP A 11 -20.14 23.00 27.65
C ASP A 11 -19.32 21.86 28.24
N GLY A 12 -17.99 22.03 28.23
CA GLY A 12 -17.13 21.02 28.79
C GLY A 12 -17.38 20.88 30.28
N ALA A 13 -17.32 19.65 30.76
CA ALA A 13 -17.51 19.35 32.17
C ALA A 13 -18.96 19.39 32.68
N VAL A 14 -19.94 19.60 31.81
CA VAL A 14 -21.32 19.63 32.30
C VAL A 14 -21.82 18.23 32.68
N GLY A 15 -21.10 17.20 32.24
CA GLY A 15 -21.50 15.84 32.56
C GLY A 15 -22.09 14.99 31.45
N LYS A 16 -21.84 15.38 30.20
CA LYS A 16 -22.36 14.65 29.04
C LYS A 16 -21.92 13.19 29.00
N THR A 17 -20.61 12.96 29.11
CA THR A 17 -20.09 11.60 29.05
C THR A 17 -20.60 10.71 30.20
N CYS A 18 -20.60 11.23 31.42
CA CYS A 18 -21.09 10.44 32.55
C CYS A 18 -22.56 10.10 32.31
N LEU A 19 -23.24 11.00 31.62
CA LEU A 19 -24.65 10.81 31.30
C LEU A 19 -24.79 9.53 30.47
N LEU A 20 -23.99 9.43 29.41
CA LEU A 20 -24.02 8.29 28.51
C LEU A 20 -23.50 6.99 29.12
N ILE A 21 -22.41 7.08 29.86
CA ILE A 21 -21.84 5.89 30.48
C ILE A 21 -22.77 5.35 31.57
N SER A 22 -23.24 6.23 32.45
CA SER A 22 -24.14 5.82 33.52
C SER A 22 -25.38 5.17 32.95
N TYR A 23 -25.90 5.71 31.85
CA TYR A 23 -27.10 5.16 31.24
C TYR A 23 -26.87 3.82 30.57
N THR A 24 -25.80 3.70 29.79
CA THR A 24 -25.53 2.44 29.08
C THR A 24 -24.87 1.34 29.90
N THR A 25 -24.14 1.70 30.95
CA THR A 25 -23.47 0.69 31.76
C THR A 25 -23.86 0.69 33.23
N ASN A 26 -24.75 1.60 33.61
CA ASN A 26 -25.19 1.71 35.00
C ASN A 26 -24.03 1.77 35.97
N ALA A 27 -22.93 2.36 35.49
CA ALA A 27 -21.73 2.53 36.30
C ALA A 27 -21.30 3.98 36.08
N PHE A 28 -20.76 4.60 37.12
CA PHE A 28 -20.33 6.00 37.02
C PHE A 28 -18.81 6.10 36.87
N PRO A 29 -18.35 6.76 35.79
CA PRO A 29 -16.92 6.96 35.50
C PRO A 29 -16.09 7.34 36.72
N GLY A 30 -14.89 6.78 36.81
CA GLY A 30 -14.03 7.07 37.94
C GLY A 30 -12.95 8.12 37.67
N GLU A 31 -12.85 8.56 36.42
CA GLU A 31 -11.84 9.56 36.06
C GLU A 31 -12.32 10.45 34.92
N TYR A 32 -12.31 11.76 35.16
CA TYR A 32 -12.73 12.72 34.15
C TYR A 32 -11.70 12.90 33.05
N ILE A 33 -12.08 12.52 31.83
CA ILE A 33 -11.21 12.64 30.67
C ILE A 33 -11.96 13.37 29.56
N PRO A 34 -11.52 14.59 29.22
CA PRO A 34 -12.17 15.37 28.16
C PRO A 34 -12.45 14.52 26.94
N THR A 35 -13.59 14.76 26.30
CA THR A 35 -13.99 14.00 25.13
C THR A 35 -13.56 14.63 23.81
N VAL A 36 -13.20 13.78 22.85
CA VAL A 36 -12.83 14.23 21.50
C VAL A 36 -14.12 13.88 20.76
N PHE A 37 -14.43 12.58 20.78
CA PHE A 37 -15.68 12.08 20.20
C PHE A 37 -15.81 10.62 20.59
N ASP A 38 -17.04 10.17 20.81
CA ASP A 38 -17.30 8.79 21.20
C ASP A 38 -18.70 8.36 20.83
N ASN A 39 -18.94 7.06 20.88
CA ASN A 39 -20.22 6.50 20.53
C ASN A 39 -20.61 5.37 21.46
N TYR A 40 -21.87 5.37 21.89
CA TYR A 40 -22.38 4.33 22.76
C TYR A 40 -23.71 3.92 22.16
N SER A 41 -24.14 2.70 22.46
CA SER A 41 -25.40 2.20 21.95
C SER A 41 -26.22 1.60 23.07
N ALA A 42 -27.48 1.31 22.77
CA ALA A 42 -28.38 0.72 23.75
C ALA A 42 -29.66 0.31 23.07
N ASN A 43 -30.06 -0.94 23.27
CA ASN A 43 -31.30 -1.43 22.71
C ASN A 43 -32.32 -1.17 23.82
N VAL A 44 -33.38 -0.46 23.52
CA VAL A 44 -34.38 -0.16 24.54
C VAL A 44 -35.81 -0.32 24.07
N MET A 45 -36.70 -0.58 25.03
CA MET A 45 -38.10 -0.74 24.73
C MET A 45 -38.87 0.52 25.11
N VAL A 46 -39.46 1.15 24.11
CA VAL A 46 -40.23 2.36 24.34
C VAL A 46 -41.59 2.22 23.68
N ASP A 47 -42.61 2.23 24.53
CA ASP A 47 -43.98 2.11 24.10
C ASP A 47 -44.18 0.78 23.39
N GLY A 48 -43.58 -0.25 24.00
CA GLY A 48 -43.66 -1.58 23.48
C GLY A 48 -42.96 -1.81 22.16
N LYS A 49 -41.86 -1.11 21.89
CA LYS A 49 -41.13 -1.28 20.64
C LYS A 49 -39.62 -1.23 20.86
N PRO A 50 -38.88 -2.16 20.23
CA PRO A 50 -37.42 -2.17 20.39
C PRO A 50 -36.78 -1.06 19.56
N VAL A 51 -35.88 -0.32 20.18
CA VAL A 51 -35.20 0.77 19.49
C VAL A 51 -33.71 0.64 19.70
N ASN A 52 -32.96 0.86 18.63
CA ASN A 52 -31.51 0.81 18.67
C ASN A 52 -31.07 2.27 18.85
N LEU A 53 -30.75 2.64 20.08
CA LEU A 53 -30.37 4.01 20.38
C LEU A 53 -28.87 4.29 20.27
N GLY A 54 -28.50 5.11 19.29
CA GLY A 54 -27.11 5.47 19.11
C GLY A 54 -26.83 6.79 19.82
N LEU A 55 -25.92 6.77 20.79
CA LEU A 55 -25.58 7.97 21.54
C LEU A 55 -24.21 8.51 21.14
N TRP A 56 -24.22 9.67 20.48
CA TRP A 56 -22.99 10.31 20.02
C TRP A 56 -22.50 11.38 21.00
N ASP A 57 -21.34 11.11 21.60
CA ASP A 57 -20.73 12.02 22.57
C ASP A 57 -19.87 13.02 21.81
N THR A 58 -19.88 14.29 22.25
CA THR A 58 -19.09 15.32 21.58
C THR A 58 -18.17 16.06 22.54
N ALA A 59 -17.29 16.86 21.97
CA ALA A 59 -16.33 17.64 22.76
C ALA A 59 -16.96 18.95 23.21
N GLY A 60 -16.84 19.24 24.51
CA GLY A 60 -17.38 20.48 25.04
C GLY A 60 -16.38 21.60 24.86
N GLN A 61 -15.10 21.24 24.81
CA GLN A 61 -14.03 22.23 24.63
C GLN A 61 -14.26 23.00 23.34
N GLU A 62 -14.08 24.32 23.40
CA GLU A 62 -14.30 25.18 22.23
C GLU A 62 -13.24 25.04 21.15
N ASP A 63 -12.17 24.31 21.44
CA ASP A 63 -11.10 24.11 20.46
C ASP A 63 -11.63 23.23 19.32
N TYR A 64 -12.77 22.58 19.57
CA TYR A 64 -13.38 21.67 18.60
C TYR A 64 -14.56 22.28 17.84
N ASP A 65 -14.72 23.59 17.95
CA ASP A 65 -15.82 24.29 17.29
C ASP A 65 -16.03 23.98 15.81
N ARG A 66 -14.94 23.84 15.06
CA ARG A 66 -15.08 23.54 13.64
C ARG A 66 -15.18 22.05 13.36
N LEU A 67 -14.59 21.24 14.23
CA LEU A 67 -14.60 19.79 14.05
C LEU A 67 -15.86 19.10 14.60
N ARG A 68 -16.33 19.56 15.75
CA ARG A 68 -17.52 18.96 16.39
C ARG A 68 -18.70 18.70 15.45
N PRO A 69 -19.15 19.73 14.70
CA PRO A 69 -20.28 19.60 13.78
C PRO A 69 -20.18 18.48 12.75
N LEU A 70 -19.00 17.88 12.60
CA LEU A 70 -18.84 16.79 11.65
C LEU A 70 -19.65 15.57 12.05
N SER A 71 -20.12 15.52 13.29
CA SER A 71 -20.93 14.40 13.77
C SER A 71 -22.42 14.67 13.59
N TYR A 72 -22.79 15.89 13.23
CA TYR A 72 -24.20 16.28 13.10
C TYR A 72 -25.06 15.75 11.94
N PRO A 73 -24.46 15.54 10.75
CA PRO A 73 -25.28 15.04 9.64
C PRO A 73 -26.24 13.89 9.99
N GLN A 74 -27.50 14.03 9.59
CA GLN A 74 -28.52 13.01 9.83
C GLN A 74 -28.87 12.71 11.29
N THR A 75 -28.66 13.68 12.18
CA THR A 75 -29.00 13.50 13.59
C THR A 75 -30.53 13.49 13.70
N ASP A 76 -31.07 12.59 14.52
CA ASP A 76 -32.52 12.52 14.71
C ASP A 76 -33.00 13.38 15.87
N VAL A 77 -32.15 13.51 16.89
CA VAL A 77 -32.49 14.31 18.07
C VAL A 77 -31.22 14.74 18.80
N PHE A 78 -31.24 15.97 19.30
CA PHE A 78 -30.11 16.53 20.03
C PHE A 78 -30.45 16.69 21.51
N LEU A 79 -29.46 16.49 22.36
CA LEU A 79 -29.63 16.70 23.78
C LEU A 79 -28.69 17.86 24.04
N ILE A 80 -29.22 19.03 24.40
CA ILE A 80 -28.36 20.16 24.73
C ILE A 80 -28.30 20.13 26.25
N CYS A 81 -27.09 19.97 26.79
CA CYS A 81 -26.89 19.87 28.22
C CYS A 81 -26.18 21.04 28.88
N PHE A 82 -26.52 21.27 30.14
CA PHE A 82 -25.90 22.32 30.94
C PHE A 82 -26.00 21.85 32.38
N SER A 83 -25.01 22.23 33.20
CA SER A 83 -25.01 21.83 34.60
C SER A 83 -25.91 22.72 35.43
N LEU A 84 -26.79 22.10 36.22
CA LEU A 84 -27.70 22.87 37.05
C LEU A 84 -26.94 23.72 38.08
N VAL A 85 -25.67 23.42 38.29
CA VAL A 85 -24.87 24.19 39.23
C VAL A 85 -23.80 25.01 38.51
N SER A 86 -24.09 25.38 37.26
CA SER A 86 -23.17 26.18 36.46
C SER A 86 -23.92 27.17 35.58
N PRO A 87 -24.19 28.36 36.10
CA PRO A 87 -24.90 29.41 35.36
C PRO A 87 -24.24 29.72 34.02
N ALA A 88 -22.92 29.55 33.96
CA ALA A 88 -22.19 29.82 32.72
C ALA A 88 -22.61 28.84 31.63
N SER A 89 -22.68 27.56 31.98
CA SER A 89 -23.08 26.55 31.00
C SER A 89 -24.55 26.77 30.60
N PHE A 90 -25.34 27.28 31.53
CA PHE A 90 -26.75 27.56 31.26
C PHE A 90 -26.86 28.68 30.23
N GLU A 91 -26.08 29.74 30.44
CA GLU A 91 -26.09 30.87 29.51
C GLU A 91 -25.63 30.43 28.11
N ASN A 92 -24.69 29.50 28.05
CA ASN A 92 -24.20 29.03 26.77
C ASN A 92 -25.21 28.22 25.96
N VAL A 93 -26.26 27.75 26.62
CA VAL A 93 -27.31 27.02 25.92
C VAL A 93 -27.84 27.95 24.83
N ARG A 94 -28.13 29.19 25.23
CA ARG A 94 -28.66 30.17 24.29
C ARG A 94 -27.60 30.87 23.44
N ALA A 95 -26.45 31.16 24.03
CA ALA A 95 -25.40 31.86 23.30
C ALA A 95 -24.60 31.01 22.34
N LYS A 96 -24.49 29.72 22.61
CA LYS A 96 -23.70 28.85 21.75
C LYS A 96 -24.39 27.61 21.17
N TRP A 97 -24.75 26.68 22.05
CA TRP A 97 -25.36 25.42 21.62
C TRP A 97 -26.62 25.50 20.77
N TYR A 98 -27.61 26.26 21.20
CA TYR A 98 -28.84 26.38 20.43
C TYR A 98 -28.52 26.90 19.02
N PRO A 99 -27.79 28.02 18.90
CA PRO A 99 -27.45 28.55 17.57
C PRO A 99 -26.63 27.57 16.73
N GLU A 100 -25.66 26.89 17.35
CA GLU A 100 -24.83 25.95 16.62
C GLU A 100 -25.66 24.79 16.09
N VAL A 101 -26.50 24.21 16.94
CA VAL A 101 -27.33 23.09 16.51
C VAL A 101 -28.29 23.51 15.40
N ARG A 102 -28.97 24.64 15.58
CA ARG A 102 -29.92 25.10 14.58
C ARG A 102 -29.25 25.45 13.26
N HIS A 103 -28.02 25.93 13.34
CA HIS A 103 -27.30 26.28 12.12
C HIS A 103 -27.07 25.04 11.25
N HIS A 104 -26.65 23.94 11.86
CA HIS A 104 -26.41 22.71 11.09
C HIS A 104 -27.63 21.83 10.92
N CYS A 105 -28.55 21.87 11.88
CA CYS A 105 -29.76 21.05 11.79
C CYS A 105 -30.97 21.87 12.23
N PRO A 106 -31.44 22.76 11.36
CA PRO A 106 -32.59 23.64 11.61
C PRO A 106 -33.93 23.03 12.02
N ASN A 107 -34.18 21.78 11.64
CA ASN A 107 -35.46 21.17 11.97
C ASN A 107 -35.39 19.99 12.95
N THR A 108 -34.20 19.66 13.41
CA THR A 108 -34.05 18.54 14.31
C THR A 108 -34.51 18.84 15.74
N PRO A 109 -35.34 17.97 16.31
CA PRO A 109 -35.85 18.13 17.68
C PRO A 109 -34.74 18.29 18.70
N ILE A 110 -34.97 19.15 19.69
CA ILE A 110 -33.99 19.38 20.74
C ILE A 110 -34.61 19.11 22.10
N ILE A 111 -33.83 18.49 22.98
CA ILE A 111 -34.29 18.23 24.33
C ILE A 111 -33.28 18.92 25.23
N LEU A 112 -33.76 19.80 26.11
CA LEU A 112 -32.87 20.52 27.01
C LEU A 112 -32.70 19.70 28.29
N VAL A 113 -31.45 19.45 28.65
CA VAL A 113 -31.16 18.64 29.83
C VAL A 113 -30.35 19.37 30.90
N GLY A 114 -30.92 19.43 32.10
CA GLY A 114 -30.23 20.04 33.22
C GLY A 114 -29.56 18.89 33.94
N THR A 115 -28.23 18.92 34.00
CA THR A 115 -27.47 17.85 34.63
C THR A 115 -27.04 18.12 36.07
N LYS A 116 -26.52 17.07 36.71
CA LYS A 116 -26.02 17.15 38.07
C LYS A 116 -27.09 17.59 39.06
N LEU A 117 -28.30 17.07 38.84
CA LEU A 117 -29.43 17.40 39.70
C LEU A 117 -29.08 17.17 41.18
N ASP A 118 -28.32 16.13 41.44
CA ASP A 118 -27.93 15.78 42.80
C ASP A 118 -27.13 16.86 43.52
N LEU A 119 -26.45 17.74 42.77
CA LEU A 119 -25.66 18.79 43.39
C LEU A 119 -26.40 20.08 43.68
N ARG A 120 -27.56 20.29 43.05
CA ARG A 120 -28.29 21.54 43.28
C ARG A 120 -28.54 21.80 44.76
N ASP A 121 -28.97 20.77 45.48
CA ASP A 121 -29.24 20.90 46.91
C ASP A 121 -28.05 20.54 47.80
N ASP A 122 -26.92 20.23 47.18
CA ASP A 122 -25.71 19.85 47.93
C ASP A 122 -25.07 21.06 48.61
N LYS A 123 -24.85 20.94 49.92
CA LYS A 123 -24.26 22.01 50.72
C LYS A 123 -22.87 22.46 50.26
N ASP A 124 -21.95 21.52 50.10
CA ASP A 124 -20.58 21.82 49.68
C ASP A 124 -20.55 22.59 48.35
N THR A 125 -21.31 22.12 47.38
CA THR A 125 -21.37 22.75 46.07
C THR A 125 -21.89 24.17 46.16
N ILE A 126 -22.95 24.37 46.95
CA ILE A 126 -23.54 25.68 47.12
C ILE A 126 -22.56 26.67 47.74
N GLU A 127 -21.90 26.27 48.83
CA GLU A 127 -20.93 27.13 49.48
C GLU A 127 -19.87 27.48 48.45
N LYS A 128 -19.42 26.46 47.73
CA LYS A 128 -18.41 26.65 46.69
C LYS A 128 -18.92 27.68 45.68
N LEU A 129 -20.20 27.57 45.33
CA LEU A 129 -20.82 28.48 44.38
C LEU A 129 -20.95 29.89 44.97
N LYS A 130 -21.34 29.97 46.25
CA LYS A 130 -21.49 31.26 46.90
C LYS A 130 -20.16 32.00 46.90
N GLU A 131 -19.08 31.26 47.11
CA GLU A 131 -17.74 31.85 47.13
C GLU A 131 -17.38 32.32 45.72
N LYS A 132 -17.99 31.70 44.72
CA LYS A 132 -17.75 32.05 43.33
C LYS A 132 -18.74 33.10 42.84
N LYS A 133 -19.51 33.68 43.77
CA LYS A 133 -20.49 34.70 43.42
C LYS A 133 -21.57 34.10 42.52
N LEU A 134 -21.85 32.81 42.71
CA LEU A 134 -22.86 32.13 41.90
C LEU A 134 -23.95 31.41 42.69
N THR A 135 -24.86 30.78 41.95
CA THR A 135 -25.98 30.05 42.54
C THR A 135 -26.54 29.09 41.49
N PRO A 136 -27.15 27.98 41.92
CA PRO A 136 -27.73 26.98 41.02
C PRO A 136 -28.84 27.53 40.10
N ILE A 137 -29.12 26.78 39.03
CA ILE A 137 -30.16 27.17 38.09
C ILE A 137 -31.42 26.42 38.56
N THR A 138 -32.54 27.13 38.66
CA THR A 138 -33.77 26.52 39.12
C THR A 138 -34.61 25.94 37.99
N TYR A 139 -35.49 25.01 38.34
CA TYR A 139 -36.36 24.37 37.36
C TYR A 139 -37.12 25.40 36.52
N PRO A 140 -37.72 26.42 37.16
CA PRO A 140 -38.46 27.42 36.38
C PRO A 140 -37.56 28.09 35.34
N GLN A 141 -36.29 28.30 35.69
CA GLN A 141 -35.33 28.90 34.76
C GLN A 141 -35.11 27.95 33.61
N GLY A 142 -34.84 26.69 33.94
CA GLY A 142 -34.61 25.68 32.93
C GLY A 142 -35.78 25.60 31.96
N LEU A 143 -36.98 25.49 32.53
CA LEU A 143 -38.19 25.40 31.73
C LEU A 143 -38.33 26.61 30.82
N ALA A 144 -38.04 27.80 31.35
CA ALA A 144 -38.13 29.02 30.56
C ALA A 144 -37.08 29.00 29.44
N MET A 145 -35.89 28.50 29.72
CA MET A 145 -34.85 28.45 28.69
C MET A 145 -35.30 27.50 27.58
N ALA A 146 -35.90 26.37 27.96
CA ALA A 146 -36.37 25.40 26.98
C ALA A 146 -37.39 26.00 26.04
N LYS A 147 -38.27 26.82 26.59
CA LYS A 147 -39.30 27.46 25.78
C LYS A 147 -38.66 28.41 24.79
N GLU A 148 -37.65 29.13 25.27
CA GLU A 148 -36.96 30.10 24.43
C GLU A 148 -36.23 29.48 23.23
N ILE A 149 -35.63 28.31 23.41
CA ILE A 149 -34.92 27.66 22.30
C ILE A 149 -35.82 26.69 21.52
N GLY A 150 -37.08 26.60 21.94
CA GLY A 150 -38.01 25.71 21.26
C GLY A 150 -37.77 24.23 21.50
N ALA A 151 -37.27 23.90 22.68
CA ALA A 151 -37.01 22.50 23.01
C ALA A 151 -38.35 21.78 23.16
N VAL A 152 -38.40 20.51 22.76
CA VAL A 152 -39.64 19.75 22.86
C VAL A 152 -39.88 19.35 24.32
N LYS A 153 -38.81 19.28 25.09
CA LYS A 153 -38.92 18.90 26.49
C LYS A 153 -37.76 19.47 27.30
N TYR A 154 -38.00 19.75 28.57
CA TYR A 154 -36.94 20.21 29.46
C TYR A 154 -36.92 19.13 30.53
N LEU A 155 -35.74 18.59 30.80
CA LEU A 155 -35.60 17.51 31.77
C LEU A 155 -34.33 17.66 32.61
N GLU A 156 -34.46 17.39 33.91
CA GLU A 156 -33.33 17.47 34.81
C GLU A 156 -33.00 16.04 35.24
N CYS A 157 -31.72 15.79 35.49
CA CYS A 157 -31.30 14.45 35.88
C CYS A 157 -29.96 14.45 36.56
N SER A 158 -29.59 13.29 37.08
CA SER A 158 -28.31 13.10 37.74
C SER A 158 -27.74 11.79 37.21
N ALA A 159 -26.54 11.84 36.66
CA ALA A 159 -25.92 10.63 36.13
C ALA A 159 -25.43 9.82 37.33
N LEU A 160 -25.06 10.52 38.40
CA LEU A 160 -24.56 9.91 39.61
C LEU A 160 -25.61 9.03 40.31
N THR A 161 -26.78 9.59 40.57
CA THR A 161 -27.84 8.84 41.24
C THR A 161 -28.77 8.19 40.22
N GLN A 162 -28.67 8.64 38.98
CA GLN A 162 -29.49 8.14 37.89
C GLN A 162 -30.93 8.66 37.95
N ARG A 163 -31.19 9.54 38.91
CA ARG A 163 -32.52 10.10 39.04
C ARG A 163 -32.83 10.95 37.80
N GLY A 164 -33.88 10.57 37.07
CA GLY A 164 -34.28 11.29 35.88
C GLY A 164 -33.50 10.90 34.63
N LEU A 165 -32.47 10.07 34.80
CA LEU A 165 -31.62 9.64 33.69
C LEU A 165 -32.30 8.87 32.57
N LYS A 166 -33.00 7.79 32.89
CA LYS A 166 -33.66 7.01 31.85
C LYS A 166 -34.74 7.81 31.12
N THR A 167 -35.43 8.68 31.84
CA THR A 167 -36.48 9.51 31.25
C THR A 167 -35.93 10.34 30.10
N VAL A 168 -34.74 10.90 30.30
CA VAL A 168 -34.09 11.70 29.27
C VAL A 168 -34.01 10.96 27.94
N PHE A 169 -33.59 9.71 27.98
CA PHE A 169 -33.45 8.94 26.76
C PHE A 169 -34.76 8.42 26.19
N ASP A 170 -35.75 8.17 27.06
CA ASP A 170 -37.06 7.73 26.57
C ASP A 170 -37.70 8.88 25.80
N GLU A 171 -37.55 10.11 26.32
CA GLU A 171 -38.13 11.28 25.67
C GLU A 171 -37.38 11.59 24.38
N ALA A 172 -36.06 11.41 24.41
CA ALA A 172 -35.25 11.64 23.23
C ALA A 172 -35.77 10.74 22.12
N ILE A 173 -36.07 9.49 22.46
CA ILE A 173 -36.57 8.53 21.50
C ILE A 173 -37.95 8.92 21.01
N ARG A 174 -38.83 9.29 21.94
CA ARG A 174 -40.18 9.67 21.58
C ARG A 174 -40.26 10.96 20.76
N ALA A 175 -39.24 11.81 20.86
CA ALA A 175 -39.21 13.05 20.11
C ALA A 175 -39.03 12.74 18.62
N VAL A 176 -38.58 11.52 18.34
CA VAL A 176 -38.36 11.08 16.96
C VAL A 176 -39.45 10.10 16.55
N LEU A 177 -39.83 9.23 17.49
CA LEU A 177 -40.84 8.20 17.35
C LEU A 177 -40.28 6.84 17.75
N PRO B 11 8.18 -8.78 11.86
CA PRO B 11 7.46 -7.49 11.92
C PRO B 11 6.31 -7.57 12.92
N LYS B 12 6.48 -6.89 14.06
CA LYS B 12 5.46 -6.88 15.11
C LYS B 12 4.68 -5.57 15.06
N VAL B 13 3.37 -5.65 15.24
CA VAL B 13 2.52 -4.47 15.22
C VAL B 13 2.52 -3.75 16.57
N LYS B 14 3.09 -2.55 16.62
CA LYS B 14 3.14 -1.79 17.86
C LYS B 14 1.73 -1.62 18.43
N ALA B 15 1.63 -1.74 19.74
CA ALA B 15 0.35 -1.66 20.46
C ALA B 15 -0.50 -0.44 20.14
N TYR B 16 0.12 0.73 20.06
CA TYR B 16 -0.65 1.94 19.79
C TYR B 16 -1.43 1.85 18.47
N LEU B 17 -0.88 1.13 17.50
CA LEU B 17 -1.53 0.98 16.21
C LEU B 17 -2.83 0.19 16.37
N SER B 18 -2.77 -0.91 17.10
CA SER B 18 -3.94 -1.74 17.32
C SER B 18 -4.90 -1.06 18.28
N GLN B 19 -4.36 -0.25 19.19
CA GLN B 19 -5.18 0.47 20.15
C GLN B 19 -6.07 1.42 19.35
N GLY B 20 -5.46 2.16 18.43
CA GLY B 20 -6.21 3.08 17.60
C GLY B 20 -5.95 4.55 17.87
N GLU B 21 -6.26 5.38 16.88
CA GLU B 21 -6.09 6.82 17.00
C GLU B 21 -7.22 7.52 16.26
N ARG B 22 -7.63 8.67 16.76
CA ARG B 22 -8.71 9.42 16.15
C ARG B 22 -8.25 10.32 15.02
N PHE B 23 -8.94 10.24 13.88
CA PHE B 23 -8.61 11.06 12.72
C PHE B 23 -9.92 11.48 12.07
N ILE B 24 -9.78 12.36 11.09
CA ILE B 24 -10.91 12.83 10.30
C ILE B 24 -10.54 12.45 8.88
N LYS B 25 -11.29 11.54 8.29
CA LYS B 25 -11.01 11.10 6.94
C LYS B 25 -11.79 12.00 5.98
N TRP B 26 -11.09 12.60 5.02
CA TRP B 26 -11.74 13.49 4.07
C TRP B 26 -11.61 13.08 2.62
N ASP B 27 -12.60 13.50 1.85
CA ASP B 27 -12.73 13.20 0.43
C ASP B 27 -12.98 11.73 0.13
N ASP B 28 -13.25 10.95 1.18
CA ASP B 28 -13.57 9.54 1.02
C ASP B 28 -14.86 9.57 0.21
N GLU B 29 -15.47 10.74 0.23
CA GLU B 29 -16.69 11.08 -0.51
C GLU B 29 -16.17 12.22 -1.36
N THR B 30 -16.95 13.27 -1.58
CA THR B 30 -16.68 14.67 -1.74
C THR B 30 -17.10 15.77 -0.79
N THR B 31 -16.12 16.53 -0.33
CA THR B 31 -16.32 17.63 0.61
C THR B 31 -16.75 17.09 1.98
N VAL B 32 -16.83 15.76 2.07
CA VAL B 32 -17.23 15.11 3.31
C VAL B 32 -16.06 14.72 4.20
N ALA B 33 -16.05 15.26 5.41
CA ALA B 33 -15.02 14.97 6.39
C ALA B 33 -15.67 14.08 7.45
N SER B 34 -15.13 12.89 7.65
CA SER B 34 -15.69 11.93 8.60
C SER B 34 -14.78 11.50 9.74
N PRO B 35 -15.25 11.67 10.99
CA PRO B 35 -14.45 11.26 12.14
C PRO B 35 -14.31 9.74 12.12
N VAL B 36 -13.13 9.23 12.47
CA VAL B 36 -12.92 7.79 12.47
C VAL B 36 -11.83 7.42 13.46
N ILE B 37 -11.75 6.13 13.78
CA ILE B 37 -10.70 5.64 14.64
C ILE B 37 -9.94 4.71 13.70
N LEU B 38 -8.67 5.03 13.47
CA LEU B 38 -7.83 4.27 12.57
C LEU B 38 -7.04 3.23 13.36
N ARG B 39 -6.91 2.03 12.81
CA ARG B 39 -6.18 0.96 13.47
C ARG B 39 -5.53 -0.02 12.50
N VAL B 40 -4.60 -0.81 13.05
CA VAL B 40 -3.93 -1.88 12.31
C VAL B 40 -4.19 -3.07 13.22
N ASP B 41 -4.80 -4.14 12.69
CA ASP B 41 -5.08 -5.30 13.52
C ASP B 41 -3.78 -5.86 14.08
N PRO B 42 -3.85 -6.58 15.22
CA PRO B 42 -2.69 -7.17 15.88
C PRO B 42 -1.74 -7.98 14.99
N LYS B 43 -2.27 -8.61 13.95
CA LYS B 43 -1.43 -9.42 13.07
C LYS B 43 -0.81 -8.66 11.90
N GLY B 44 -1.15 -7.40 11.74
CA GLY B 44 -0.59 -6.62 10.66
C GLY B 44 -1.12 -6.98 9.28
N TYR B 45 -2.37 -7.40 9.22
CA TYR B 45 -3.01 -7.77 7.94
C TYR B 45 -3.70 -6.56 7.32
N TYR B 46 -4.40 -5.76 8.13
CA TYR B 46 -5.13 -4.63 7.61
C TYR B 46 -5.01 -3.31 8.34
N LEU B 47 -5.18 -2.24 7.58
CA LEU B 47 -5.21 -0.90 8.12
C LEU B 47 -6.70 -0.68 7.95
N TYR B 48 -7.41 -0.41 9.04
CA TYR B 48 -8.84 -0.21 8.91
C TYR B 48 -9.33 0.90 9.80
N TRP B 49 -10.30 1.66 9.31
CA TRP B 49 -10.87 2.74 10.08
C TRP B 49 -12.34 2.45 10.35
N THR B 50 -12.79 2.90 11.52
CA THR B 50 -14.17 2.69 11.94
C THR B 50 -14.88 4.02 12.06
N TYR B 51 -16.01 4.16 11.38
CA TYR B 51 -16.78 5.39 11.45
C TYR B 51 -17.63 5.37 12.72
N GLN B 52 -18.13 6.53 13.12
CA GLN B 52 -18.93 6.63 14.32
C GLN B 52 -20.16 5.72 14.25
N SER B 53 -20.63 5.45 13.04
CA SER B 53 -21.79 4.58 12.85
C SER B 53 -21.42 3.11 13.05
N LYS B 54 -20.14 2.85 13.33
CA LYS B 54 -19.63 1.50 13.54
C LYS B 54 -19.20 0.85 12.22
N GLU B 55 -19.37 1.56 11.12
CA GLU B 55 -19.21 0.91 9.79
C GLU B 55 -17.68 0.88 9.70
N MET B 56 -17.15 -0.14 9.06
CA MET B 56 -15.70 -0.26 8.92
C MET B 56 -15.25 -0.35 7.47
N GLU B 57 -14.02 0.09 7.22
CA GLU B 57 -13.44 0.08 5.89
C GLU B 57 -12.06 -0.54 6.05
N PHE B 58 -11.76 -1.56 5.26
CA PHE B 58 -10.47 -2.24 5.36
C PHE B 58 -9.54 -2.00 4.20
N LEU B 59 -8.24 -1.98 4.49
CA LEU B 59 -7.23 -1.79 3.47
C LEU B 59 -6.11 -2.80 3.78
N ASP B 60 -5.84 -3.70 2.85
CA ASP B 60 -4.78 -4.68 3.07
C ASP B 60 -3.45 -3.96 3.21
N ILE B 61 -2.66 -4.37 4.20
CA ILE B 61 -1.35 -3.79 4.42
C ILE B 61 -0.54 -4.01 3.14
N THR B 62 -0.75 -5.15 2.48
CA THR B 62 -0.03 -5.49 1.25
C THR B 62 -0.45 -4.66 0.03
N SER B 63 -1.51 -3.87 0.16
CA SER B 63 -1.98 -3.02 -0.94
C SER B 63 -1.42 -1.59 -0.82
N ILE B 64 -0.80 -1.29 0.31
CA ILE B 64 -0.24 0.04 0.53
C ILE B 64 1.07 0.25 -0.20
N ARG B 65 1.21 1.40 -0.86
CA ARG B 65 2.42 1.72 -1.63
C ARG B 65 3.29 2.78 -0.97
N ASP B 66 2.71 3.57 -0.08
CA ASP B 66 3.47 4.63 0.57
C ASP B 66 2.61 5.30 1.64
N THR B 67 3.26 6.03 2.54
CA THR B 67 2.59 6.77 3.60
C THR B 67 3.31 8.11 3.62
N ARG B 68 2.58 9.18 3.89
CA ARG B 68 3.15 10.51 3.91
C ARG B 68 2.52 11.34 5.02
N PHE B 69 3.29 12.26 5.58
CA PHE B 69 2.76 13.13 6.63
C PHE B 69 3.28 14.55 6.43
N GLY B 70 2.69 15.50 7.15
CA GLY B 70 3.11 16.88 7.03
C GLY B 70 2.93 17.44 5.64
N LYS B 71 3.95 18.16 5.16
CA LYS B 71 3.89 18.79 3.85
C LYS B 71 3.79 17.81 2.67
N PHE B 72 4.21 16.57 2.87
CA PHE B 72 4.15 15.60 1.79
C PHE B 72 2.78 14.92 1.66
N ALA B 73 1.92 15.15 2.65
CA ALA B 73 0.59 14.57 2.64
C ALA B 73 -0.26 15.31 1.60
N LYS B 74 -1.31 14.66 1.13
CA LYS B 74 -2.20 15.28 0.15
C LYS B 74 -2.94 16.42 0.86
N MET B 75 -3.15 17.52 0.17
CA MET B 75 -3.82 18.68 0.75
C MET B 75 -5.20 18.92 0.16
N PRO B 76 -6.21 19.15 1.01
CA PRO B 76 -7.58 19.38 0.51
C PRO B 76 -7.70 20.66 -0.32
N LYS B 77 -8.49 20.58 -1.38
CA LYS B 77 -8.66 21.71 -2.29
C LYS B 77 -9.94 22.50 -2.00
N SER B 78 -11.05 21.79 -1.77
CA SER B 78 -12.34 22.43 -1.51
C SER B 78 -12.27 23.43 -0.36
N GLN B 79 -12.91 24.57 -0.56
CA GLN B 79 -12.92 25.62 0.45
C GLN B 79 -13.59 25.11 1.72
N LYS B 80 -14.63 24.30 1.55
CA LYS B 80 -15.35 23.74 2.69
C LYS B 80 -14.41 22.98 3.63
N LEU B 81 -13.55 22.15 3.06
CA LEU B 81 -12.61 21.38 3.88
C LEU B 81 -11.51 22.30 4.39
N ARG B 82 -11.13 23.28 3.59
CA ARG B 82 -10.10 24.23 3.99
C ARG B 82 -10.55 24.92 5.27
N ASP B 83 -11.83 25.30 5.31
CA ASP B 83 -12.38 25.97 6.49
C ASP B 83 -12.45 25.01 7.68
N VAL B 84 -13.05 23.83 7.46
CA VAL B 84 -13.15 22.84 8.52
C VAL B 84 -11.81 22.64 9.22
N PHE B 85 -10.73 22.57 8.44
CA PHE B 85 -9.40 22.37 8.99
C PHE B 85 -8.62 23.64 9.31
N ASN B 86 -9.29 24.79 9.21
CA ASN B 86 -8.67 26.08 9.51
C ASN B 86 -7.36 26.28 8.75
N MET B 87 -7.32 25.82 7.50
CA MET B 87 -6.11 25.93 6.69
C MET B 87 -5.72 27.36 6.32
N ASP B 88 -6.72 28.22 6.13
CA ASP B 88 -6.47 29.60 5.77
C ASP B 88 -6.24 30.45 7.02
N PHE B 89 -5.87 29.80 8.11
CA PHE B 89 -5.61 30.47 9.38
C PHE B 89 -4.12 30.69 9.61
N PRO B 90 -3.74 31.92 9.97
CA PRO B 90 -2.33 32.28 10.22
C PRO B 90 -1.64 31.34 11.21
N ASP B 91 -0.47 30.85 10.81
CA ASP B 91 0.33 29.96 11.64
C ASP B 91 -0.45 28.84 12.33
N ASN B 92 -1.27 28.13 11.57
CA ASN B 92 -2.03 27.02 12.13
C ASN B 92 -1.09 25.83 12.31
N SER B 93 -1.63 24.68 12.67
CA SER B 93 -0.81 23.49 12.87
C SER B 93 -1.31 22.33 12.00
N PHE B 94 -1.95 22.68 10.89
CA PHE B 94 -2.48 21.66 9.98
C PHE B 94 -1.44 20.65 9.54
N LEU B 95 -0.25 21.14 9.19
CA LEU B 95 0.82 20.25 8.73
C LEU B 95 1.30 19.28 9.81
N LEU B 96 0.92 19.52 11.05
CA LEU B 96 1.31 18.62 12.13
C LEU B 96 0.25 17.54 12.30
N LYS B 97 -0.81 17.60 11.50
CA LYS B 97 -1.90 16.63 11.62
C LYS B 97 -2.24 15.83 10.36
N THR B 98 -1.57 16.11 9.25
CA THR B 98 -1.86 15.41 8.00
C THR B 98 -1.21 14.05 7.83
N LEU B 99 -1.99 13.11 7.33
CA LEU B 99 -1.52 11.75 7.09
C LEU B 99 -2.15 11.26 5.78
N THR B 100 -1.32 10.70 4.90
CA THR B 100 -1.82 10.18 3.64
C THR B 100 -1.30 8.76 3.43
N VAL B 101 -2.21 7.84 3.15
CA VAL B 101 -1.84 6.46 2.88
C VAL B 101 -2.16 6.23 1.41
N VAL B 102 -1.14 5.88 0.63
CA VAL B 102 -1.32 5.64 -0.79
C VAL B 102 -1.41 4.13 -1.07
N SER B 103 -2.43 3.71 -1.81
CA SER B 103 -2.59 2.30 -2.13
C SER B 103 -2.90 2.13 -3.61
N GLY B 104 -2.74 0.90 -4.11
CA GLY B 104 -3.02 0.65 -5.52
C GLY B 104 -2.40 -0.63 -6.04
N PRO B 105 -3.03 -1.27 -7.05
CA PRO B 105 -2.60 -2.52 -7.69
C PRO B 105 -1.33 -2.36 -8.53
N ASP B 106 -0.97 -1.12 -8.80
CA ASP B 106 0.23 -0.82 -9.58
C ASP B 106 0.68 0.63 -9.38
N MET B 107 1.63 1.07 -10.20
CA MET B 107 2.20 2.42 -10.11
C MET B 107 1.22 3.55 -10.49
N VAL B 108 0.22 3.22 -11.30
CA VAL B 108 -0.71 4.23 -11.80
C VAL B 108 -2.08 4.33 -11.12
N ASP B 109 -2.75 3.20 -10.99
CA ASP B 109 -4.09 3.15 -10.41
C ASP B 109 -4.03 3.32 -8.88
N LEU B 110 -3.80 4.58 -8.47
CA LEU B 110 -3.64 4.93 -7.07
C LEU B 110 -4.86 5.51 -6.36
N THR B 111 -4.92 5.27 -5.06
CA THR B 111 -5.98 5.80 -4.22
C THR B 111 -5.27 6.46 -3.05
N PHE B 112 -5.64 7.69 -2.74
CA PHE B 112 -5.04 8.41 -1.63
C PHE B 112 -6.04 8.46 -0.48
N HIS B 113 -5.67 7.87 0.66
CA HIS B 113 -6.53 7.87 1.84
C HIS B 113 -6.01 8.97 2.75
N ASN B 114 -6.77 10.05 2.86
CA ASN B 114 -6.37 11.20 3.64
C ASN B 114 -6.98 11.32 5.02
N PHE B 115 -6.11 11.49 6.01
CA PHE B 115 -6.54 11.61 7.38
C PHE B 115 -5.94 12.84 8.05
N VAL B 116 -6.73 13.46 8.92
CA VAL B 116 -6.28 14.62 9.69
C VAL B 116 -6.52 14.20 11.13
N SER B 117 -5.47 14.23 11.95
CA SER B 117 -5.59 13.85 13.34
C SER B 117 -6.07 15.01 14.20
N TYR B 118 -6.56 14.69 15.39
CA TYR B 118 -6.99 15.73 16.33
C TYR B 118 -5.77 16.15 17.11
N LYS B 119 -4.96 15.17 17.49
CA LYS B 119 -3.72 15.43 18.22
C LYS B 119 -2.67 15.91 17.22
N GLU B 120 -1.62 16.54 17.71
CA GLU B 120 -0.55 17.00 16.84
C GLU B 120 0.59 15.99 16.84
N ASN B 121 1.28 15.90 15.71
CA ASN B 121 2.44 15.04 15.53
C ASN B 121 2.26 13.52 15.59
N VAL B 122 1.03 13.02 15.62
CA VAL B 122 0.86 11.57 15.66
C VAL B 122 0.97 10.94 14.27
N GLY B 123 0.69 11.72 13.24
CA GLY B 123 0.76 11.21 11.88
C GLY B 123 2.11 10.66 11.46
N LYS B 124 3.18 11.30 11.93
CA LYS B 124 4.53 10.86 11.59
C LYS B 124 4.78 9.43 12.04
N ALA B 125 4.43 9.12 13.28
CA ALA B 125 4.61 7.78 13.80
C ALA B 125 3.81 6.77 12.98
N TRP B 126 2.55 7.11 12.72
CA TRP B 126 1.69 6.23 11.94
C TRP B 126 2.25 5.98 10.54
N ALA B 127 2.64 7.05 9.86
CA ALA B 127 3.19 6.93 8.53
C ALA B 127 4.41 6.03 8.51
N GLU B 128 5.38 6.31 9.39
CA GLU B 128 6.61 5.53 9.44
C GLU B 128 6.43 4.10 9.91
N ASP B 129 5.59 3.88 10.92
CA ASP B 129 5.38 2.53 11.42
C ASP B 129 4.58 1.66 10.45
N VAL B 130 3.58 2.25 9.79
CA VAL B 130 2.78 1.49 8.85
C VAL B 130 3.62 1.10 7.63
N LEU B 131 4.41 2.04 7.13
CA LEU B 131 5.25 1.78 5.97
C LEU B 131 6.29 0.71 6.27
N ALA B 132 6.83 0.69 7.48
CA ALA B 132 7.83 -0.31 7.85
C ALA B 132 7.20 -1.70 7.82
N LEU B 133 5.90 -1.79 8.14
CA LEU B 133 5.21 -3.07 8.10
C LEU B 133 5.02 -3.47 6.64
N VAL B 134 4.58 -2.51 5.83
CA VAL B 134 4.36 -2.75 4.41
C VAL B 134 5.62 -3.20 3.69
N LYS B 135 6.71 -2.45 3.87
CA LYS B 135 7.96 -2.74 3.20
C LYS B 135 8.81 -3.87 3.78
N HIS B 136 8.33 -4.52 4.82
CA HIS B 136 9.05 -5.64 5.41
C HIS B 136 8.93 -6.81 4.43
N PRO B 137 10.07 -7.29 3.90
CA PRO B 137 10.14 -8.41 2.94
C PRO B 137 9.22 -9.59 3.23
N LEU B 138 9.05 -9.93 4.50
CA LEU B 138 8.22 -11.06 4.88
C LEU B 138 6.72 -10.79 4.91
N THR B 139 6.33 -9.53 4.68
CA THR B 139 4.91 -9.19 4.67
C THR B 139 4.29 -9.76 3.40
N ALA B 140 4.95 -9.55 2.28
CA ALA B 140 4.48 -10.05 1.00
C ALA B 140 4.79 -11.52 0.80
N ASN B 141 5.87 -11.99 1.41
CA ASN B 141 6.29 -13.38 1.25
C ASN B 141 5.92 -14.37 2.35
N ALA B 142 4.83 -14.09 3.06
CA ALA B 142 4.39 -15.00 4.11
C ALA B 142 3.98 -16.32 3.44
N SER B 143 3.76 -17.35 4.26
CA SER B 143 3.36 -18.65 3.76
C SER B 143 1.87 -18.66 3.46
N ARG B 144 1.43 -19.67 2.72
CA ARG B 144 0.03 -19.82 2.36
C ARG B 144 -0.90 -19.69 3.58
N SER B 145 -0.52 -20.30 4.69
CA SER B 145 -1.34 -20.25 5.90
C SER B 145 -1.65 -18.82 6.32
N THR B 146 -0.68 -17.92 6.16
CA THR B 146 -0.87 -16.53 6.53
C THR B 146 -1.96 -15.87 5.69
N PHE B 147 -1.96 -16.15 4.38
CA PHE B 147 -2.96 -15.57 3.52
C PHE B 147 -4.33 -16.16 3.83
N LEU B 148 -4.38 -17.45 4.15
CA LEU B 148 -5.65 -18.07 4.51
C LEU B 148 -6.13 -17.44 5.81
N ASP B 149 -5.19 -17.06 6.67
CA ASP B 149 -5.53 -16.44 7.94
C ASP B 149 -6.07 -15.02 7.75
N LYS B 150 -5.58 -14.32 6.73
CA LYS B 150 -6.05 -12.97 6.46
C LYS B 150 -7.54 -13.02 6.12
N ILE B 151 -7.94 -14.10 5.45
CA ILE B 151 -9.32 -14.30 5.07
C ILE B 151 -10.16 -14.46 6.33
N LEU B 152 -9.71 -15.31 7.23
CA LEU B 152 -10.43 -15.56 8.49
C LEU B 152 -10.58 -14.28 9.30
N VAL B 153 -9.47 -13.57 9.52
CA VAL B 153 -9.49 -12.33 10.29
C VAL B 153 -10.49 -11.35 9.71
N LYS B 154 -10.56 -11.31 8.38
CA LYS B 154 -11.47 -10.41 7.67
C LYS B 154 -12.92 -10.80 7.93
N LEU B 155 -13.22 -12.09 7.75
CA LEU B 155 -14.58 -12.61 7.96
C LEU B 155 -15.07 -12.37 9.39
N LYS B 156 -14.17 -12.47 10.36
CA LYS B 156 -14.55 -12.31 11.75
C LYS B 156 -14.43 -10.88 12.28
N MET B 157 -13.94 -9.98 11.44
CA MET B 157 -13.77 -8.59 11.84
C MET B 157 -14.87 -7.74 11.23
N GLN B 158 -15.42 -8.20 10.11
CA GLN B 158 -16.46 -7.47 9.38
C GLN B 158 -17.84 -7.98 9.82
N LEU B 159 -18.23 -7.66 11.05
CA LEU B 159 -19.50 -8.11 11.59
C LEU B 159 -20.67 -7.15 11.32
N ASN B 160 -21.89 -7.64 11.51
CA ASN B 160 -23.07 -6.81 11.30
C ASN B 160 -23.44 -6.11 12.60
N SER B 161 -24.61 -5.48 12.63
CA SER B 161 -25.08 -4.76 13.80
C SER B 161 -25.34 -5.69 14.98
N GLU B 162 -25.69 -6.93 14.68
CA GLU B 162 -25.96 -7.92 15.72
C GLU B 162 -24.65 -8.52 16.22
N GLY B 163 -23.54 -8.04 15.67
CA GLY B 163 -22.23 -8.53 16.06
C GLY B 163 -21.92 -9.90 15.50
N LYS B 164 -22.59 -10.26 14.40
CA LYS B 164 -22.37 -11.55 13.78
C LYS B 164 -21.83 -11.48 12.35
N ILE B 165 -21.33 -12.62 11.87
CA ILE B 165 -20.78 -12.74 10.53
C ILE B 165 -21.87 -13.14 9.55
N PRO B 166 -22.22 -12.24 8.62
CA PRO B 166 -23.26 -12.53 7.63
C PRO B 166 -22.84 -13.69 6.73
N VAL B 167 -23.74 -14.64 6.50
CA VAL B 167 -23.43 -15.78 5.65
C VAL B 167 -23.15 -15.22 4.25
N LYS B 168 -23.78 -14.09 3.96
CA LYS B 168 -23.61 -13.40 2.69
C LYS B 168 -22.14 -13.06 2.46
N ASN B 169 -21.43 -12.80 3.56
CA ASN B 169 -20.01 -12.45 3.49
C ASN B 169 -19.13 -13.63 3.08
N PHE B 170 -19.60 -14.85 3.31
CA PHE B 170 -18.84 -16.02 2.91
C PHE B 170 -18.96 -16.15 1.39
N PHE B 171 -20.17 -15.89 0.88
CA PHE B 171 -20.43 -15.97 -0.55
C PHE B 171 -19.59 -14.94 -1.29
N GLN B 172 -19.39 -13.79 -0.66
CA GLN B 172 -18.59 -12.73 -1.27
C GLN B 172 -17.10 -13.02 -1.18
N MET B 173 -16.70 -13.72 -0.13
CA MET B 173 -15.29 -14.09 0.06
C MET B 173 -14.90 -15.20 -0.91
N PHE B 174 -15.78 -16.18 -1.09
CA PHE B 174 -15.52 -17.30 -2.00
C PHE B 174 -16.65 -17.33 -3.06
N PRO B 175 -16.63 -16.39 -4.01
CA PRO B 175 -17.60 -16.22 -5.09
C PRO B 175 -17.74 -17.23 -6.24
N ALA B 176 -16.76 -18.10 -6.43
CA ALA B 176 -16.83 -19.03 -7.55
C ALA B 176 -18.02 -19.99 -7.58
N ASP B 177 -18.38 -20.57 -6.43
CA ASP B 177 -19.48 -21.52 -6.41
C ASP B 177 -20.23 -21.53 -5.07
N ARG B 178 -21.37 -20.83 -5.04
CA ARG B 178 -22.18 -20.74 -3.83
C ARG B 178 -22.61 -22.10 -3.29
N LYS B 179 -23.02 -22.99 -4.18
CA LYS B 179 -23.45 -24.33 -3.76
C LYS B 179 -22.41 -24.95 -2.86
N ARG B 180 -21.17 -24.99 -3.34
CA ARG B 180 -20.09 -25.60 -2.57
C ARG B 180 -19.82 -24.85 -1.27
N VAL B 181 -20.01 -23.54 -1.27
CA VAL B 181 -19.80 -22.78 -0.04
C VAL B 181 -20.91 -23.15 0.96
N GLU B 182 -22.15 -23.22 0.47
CA GLU B 182 -23.28 -23.57 1.32
C GLU B 182 -23.08 -24.95 1.93
N ALA B 183 -22.70 -25.90 1.09
CA ALA B 183 -22.48 -27.27 1.55
C ALA B 183 -21.35 -27.34 2.59
N ALA B 184 -20.36 -26.45 2.46
CA ALA B 184 -19.24 -26.43 3.39
C ALA B 184 -19.68 -25.91 4.75
N LEU B 185 -20.51 -24.89 4.76
CA LEU B 185 -21.01 -24.34 6.00
C LEU B 185 -21.83 -25.43 6.70
N SER B 186 -22.71 -26.09 5.95
CA SER B 186 -23.55 -27.16 6.50
C SER B 186 -22.70 -28.28 7.09
N ALA B 187 -21.63 -28.64 6.38
CA ALA B 187 -20.75 -29.70 6.84
C ALA B 187 -20.16 -29.35 8.20
N CYS B 188 -20.12 -28.06 8.51
CA CYS B 188 -19.59 -27.59 9.79
C CYS B 188 -20.72 -27.20 10.74
N HIS B 189 -21.95 -27.60 10.40
CA HIS B 189 -23.12 -27.31 11.22
C HIS B 189 -23.34 -25.82 11.42
N LEU B 190 -23.14 -25.05 10.36
CA LEU B 190 -23.33 -23.60 10.42
C LEU B 190 -24.46 -23.21 9.46
N PRO B 191 -25.16 -22.11 9.76
CA PRO B 191 -26.27 -21.67 8.89
C PRO B 191 -25.75 -21.33 7.49
N LYS B 192 -26.83 -22.19 6.46
CA LYS B 192 -26.43 -21.93 5.08
C LYS B 192 -27.32 -20.94 4.32
N GLY B 193 -27.33 -19.55 4.65
CA GLY B 193 -28.59 -19.08 4.05
C GLY B 193 -28.67 -17.55 3.95
N LYS B 194 -28.74 -17.06 2.80
CA LYS B 194 -28.34 -15.78 2.25
C LYS B 194 -28.28 -14.71 3.34
N ASN B 195 -29.42 -15.31 4.65
CA ASN B 195 -29.79 -14.08 5.31
C ASN B 195 -29.93 -14.29 6.80
N ASP B 196 -29.05 -15.39 7.19
CA ASP B 196 -28.39 -15.91 8.38
C ASP B 196 -27.11 -15.13 8.62
N ALA B 197 -26.65 -15.31 10.01
CA ALA B 197 -25.42 -14.69 10.45
C ALA B 197 -24.81 -15.72 11.37
N ILE B 198 -23.49 -15.74 11.46
CA ILE B 198 -22.82 -16.71 12.29
C ILE B 198 -22.14 -16.03 13.47
N ASN B 199 -22.30 -16.60 14.66
CA ASN B 199 -21.66 -16.04 15.83
C ASN B 199 -20.17 -16.29 15.67
N PRO B 200 -19.35 -15.25 15.84
CA PRO B 200 -17.90 -15.42 15.69
C PRO B 200 -17.31 -16.53 16.56
N GLU B 201 -17.87 -16.73 17.76
CA GLU B 201 -17.36 -17.78 18.65
C GLU B 201 -17.65 -19.17 18.06
N ASP B 202 -18.54 -19.22 17.07
CA ASP B 202 -18.85 -20.50 16.44
C ASP B 202 -17.93 -20.76 15.25
N PHE B 203 -17.09 -19.78 14.92
CA PHE B 203 -16.17 -19.92 13.79
C PHE B 203 -14.72 -19.63 14.13
N PRO B 204 -14.12 -20.46 15.00
CA PRO B 204 -12.72 -20.20 15.35
C PRO B 204 -11.90 -21.18 14.54
N GLU B 205 -10.60 -21.24 14.80
CA GLU B 205 -9.76 -22.24 14.16
C GLU B 205 -9.98 -23.35 15.19
N PRO B 206 -10.03 -24.61 14.78
CA PRO B 206 -9.92 -25.17 13.44
C PRO B 206 -11.25 -25.39 12.74
N VAL B 207 -12.29 -24.65 13.12
CA VAL B 207 -13.56 -24.83 12.43
C VAL B 207 -13.38 -24.23 11.04
N TYR B 208 -12.66 -23.11 10.96
CA TYR B 208 -12.38 -22.47 9.68
C TYR B 208 -11.63 -23.47 8.81
N LYS B 209 -10.65 -24.14 9.41
CA LYS B 209 -9.85 -25.13 8.72
C LYS B 209 -10.72 -26.27 8.17
N SER B 210 -11.67 -26.74 8.98
CA SER B 210 -12.57 -27.80 8.55
C SER B 210 -13.43 -27.28 7.41
N PHE B 211 -13.85 -26.02 7.53
CA PHE B 211 -14.65 -25.40 6.48
C PHE B 211 -13.85 -25.38 5.17
N LEU B 212 -12.56 -25.04 5.25
CA LEU B 212 -11.71 -24.99 4.05
C LEU B 212 -11.54 -26.39 3.45
N MET B 213 -11.30 -27.38 4.30
CA MET B 213 -11.14 -28.77 3.84
C MET B 213 -12.40 -29.28 3.16
N SER B 214 -13.54 -28.82 3.61
CA SER B 214 -14.81 -29.25 3.03
C SER B 214 -15.03 -28.54 1.69
N LEU B 215 -14.82 -27.23 1.68
CA LEU B 215 -14.99 -26.45 0.46
C LEU B 215 -13.92 -26.78 -0.57
N CYS B 216 -12.69 -26.98 -0.11
CA CYS B 216 -11.56 -27.25 -0.97
C CYS B 216 -10.83 -28.54 -0.61
N PRO B 217 -11.44 -29.71 -0.90
CA PRO B 217 -10.83 -31.01 -0.59
C PRO B 217 -9.43 -31.09 -1.19
N ARG B 218 -8.57 -31.89 -0.56
CA ARG B 218 -7.18 -32.01 -1.01
C ARG B 218 -6.77 -33.47 -1.25
N PRO B 219 -7.47 -34.17 -2.16
CA PRO B 219 -7.09 -35.57 -2.40
C PRO B 219 -5.67 -35.83 -2.91
N GLU B 220 -5.09 -34.90 -3.67
CA GLU B 220 -3.73 -35.11 -4.18
C GLU B 220 -2.76 -35.31 -3.04
N ILE B 221 -3.04 -34.68 -1.90
CA ILE B 221 -2.17 -34.82 -0.75
C ILE B 221 -2.30 -36.19 -0.10
N ASP B 222 -3.44 -36.85 -0.33
CA ASP B 222 -3.66 -38.18 0.22
C ASP B 222 -2.69 -39.15 -0.44
N GLU B 223 -2.40 -38.90 -1.72
CA GLU B 223 -1.50 -39.75 -2.48
C GLU B 223 -0.10 -39.77 -1.89
N ILE B 224 0.30 -38.66 -1.27
CA ILE B 224 1.62 -38.59 -0.63
C ILE B 224 1.68 -39.61 0.50
N PHE B 225 0.55 -39.87 1.12
CA PHE B 225 0.47 -40.84 2.21
C PHE B 225 0.60 -42.26 1.69
N THR B 226 0.05 -42.52 0.51
CA THR B 226 0.12 -43.85 -0.08
C THR B 226 1.56 -44.33 -0.15
N SER B 227 2.50 -43.40 -0.26
CA SER B 227 3.91 -43.75 -0.33
C SER B 227 4.44 -44.18 1.04
N TYR B 235 -3.06 -42.24 8.49
CA TYR B 235 -2.17 -41.30 9.23
C TYR B 235 -0.75 -41.39 8.67
N MET B 236 0.21 -40.98 9.50
CA MET B 236 1.62 -40.99 9.14
C MET B 236 2.39 -40.86 10.46
N THR B 237 3.22 -41.86 10.77
CA THR B 237 3.98 -41.85 12.02
C THR B 237 5.07 -40.79 12.00
N LYS B 238 5.51 -40.38 13.19
CA LYS B 238 6.55 -39.37 13.30
C LYS B 238 7.77 -39.82 12.49
N GLU B 239 7.90 -41.12 12.31
CA GLU B 239 9.01 -41.68 11.55
C GLU B 239 8.82 -41.42 10.07
N HIS B 240 7.65 -41.76 9.56
CA HIS B 240 7.34 -41.56 8.15
C HIS B 240 7.49 -40.07 7.82
N LEU B 241 6.93 -39.22 8.67
CA LEU B 241 7.00 -37.79 8.46
C LEU B 241 8.45 -37.37 8.37
N THR B 242 9.30 -38.00 9.17
CA THR B 242 10.72 -37.71 9.16
C THR B 242 11.31 -38.09 7.80
N LYS B 243 10.91 -39.25 7.31
CA LYS B 243 11.37 -39.73 6.03
C LYS B 243 10.93 -38.74 4.95
N PHE B 244 9.67 -38.32 5.02
CA PHE B 244 9.10 -37.37 4.07
C PHE B 244 9.92 -36.09 3.99
N ILE B 245 10.15 -35.47 5.15
CA ILE B 245 10.88 -34.22 5.20
C ILE B 245 12.33 -34.34 4.68
N ASN B 246 12.97 -35.47 4.94
CA ASN B 246 14.35 -35.66 4.51
C ASN B 246 14.50 -36.07 3.05
N GLN B 247 13.49 -36.75 2.51
CA GLN B 247 13.56 -37.20 1.13
C GLN B 247 12.91 -36.23 0.13
N LYS B 248 11.74 -35.72 0.48
CA LYS B 248 11.02 -34.82 -0.41
C LYS B 248 11.30 -33.34 -0.22
N GLN B 249 11.26 -32.88 1.03
CA GLN B 249 11.49 -31.48 1.33
C GLN B 249 12.95 -31.09 1.54
N ARG B 250 13.87 -32.00 1.24
CA ARG B 250 15.29 -31.70 1.45
C ARG B 250 16.14 -31.57 0.18
N ASP B 251 17.10 -30.64 0.25
CA ASP B 251 18.07 -30.32 -0.80
C ASP B 251 17.62 -30.40 -2.26
N GLN B 268 8.31 -34.04 15.59
CA GLN B 268 7.17 -34.20 16.53
C GLN B 268 6.53 -32.86 16.86
N GLY B 269 7.36 -31.82 16.95
CA GLY B 269 6.85 -30.50 17.25
C GLY B 269 5.95 -30.02 16.14
N LEU B 270 6.24 -30.45 14.91
CA LEU B 270 5.44 -30.07 13.75
C LEU B 270 4.07 -30.74 13.86
N ILE B 271 4.08 -32.01 14.26
CA ILE B 271 2.83 -32.76 14.39
C ILE B 271 1.96 -32.11 15.46
N ASP B 272 2.57 -31.71 16.57
CA ASP B 272 1.83 -31.07 17.64
C ASP B 272 1.23 -29.76 17.14
N LYS B 273 2.02 -29.04 16.35
CA LYS B 273 1.58 -27.76 15.82
C LYS B 273 0.50 -27.84 14.73
N TYR B 274 0.62 -28.79 13.81
CA TYR B 274 -0.32 -28.90 12.70
C TYR B 274 -1.44 -29.92 12.74
N GLU B 275 -1.24 -31.04 13.42
CA GLU B 275 -2.27 -32.07 13.49
C GLU B 275 -3.48 -31.55 14.26
N PRO B 276 -4.66 -31.50 13.61
CA PRO B 276 -5.87 -31.01 14.27
C PRO B 276 -6.31 -31.80 15.51
N SER B 277 -5.98 -33.09 15.55
CA SER B 277 -6.35 -33.91 16.70
C SER B 277 -5.42 -35.11 16.85
N GLY B 284 1.44 -39.65 18.14
CA GLY B 284 2.46 -39.07 17.22
C GLY B 284 2.19 -39.36 15.75
N GLN B 285 0.93 -39.13 15.34
CA GLN B 285 0.52 -39.38 13.97
C GLN B 285 0.06 -38.09 13.27
N LEU B 286 0.30 -38.00 11.98
CA LEU B 286 -0.11 -36.84 11.20
C LEU B 286 -1.14 -37.27 10.16
N SER B 287 -2.33 -36.68 10.21
CA SER B 287 -3.38 -37.01 9.27
C SER B 287 -3.18 -36.17 8.01
N PRO B 288 -3.90 -36.49 6.92
CA PRO B 288 -3.75 -35.71 5.69
C PRO B 288 -4.08 -34.23 5.87
N GLU B 289 -5.10 -33.92 6.66
CA GLU B 289 -5.44 -32.52 6.91
C GLU B 289 -4.25 -31.88 7.61
N GLY B 290 -3.64 -32.64 8.53
CA GLY B 290 -2.48 -32.15 9.24
C GLY B 290 -1.34 -31.90 8.26
N MET B 291 -1.22 -32.78 7.26
CA MET B 291 -0.18 -32.63 6.24
C MET B 291 -0.45 -31.35 5.44
N VAL B 292 -1.71 -31.10 5.13
CA VAL B 292 -2.09 -29.91 4.38
C VAL B 292 -1.65 -28.63 5.10
N TRP B 293 -2.01 -28.51 6.37
CA TRP B 293 -1.66 -27.33 7.14
C TRP B 293 -0.14 -27.20 7.31
N PHE B 294 0.54 -28.33 7.48
CA PHE B 294 1.99 -28.29 7.60
C PHE B 294 2.58 -27.72 6.30
N LEU B 295 2.16 -28.26 5.17
CA LEU B 295 2.66 -27.80 3.88
C LEU B 295 2.31 -26.34 3.57
N CYS B 296 1.32 -25.79 4.27
CA CYS B 296 0.93 -24.40 4.08
C CYS B 296 1.67 -23.50 5.08
N GLY B 297 2.34 -24.12 6.04
CA GLY B 297 3.04 -23.37 7.08
C GLY B 297 4.35 -22.70 6.70
N PRO B 298 4.85 -21.81 7.57
CA PRO B 298 6.10 -21.08 7.37
C PRO B 298 7.38 -21.91 7.33
N GLU B 299 7.37 -23.10 7.93
CA GLU B 299 8.56 -23.95 7.91
C GLU B 299 8.81 -24.44 6.49
N ASN B 300 7.77 -24.40 5.67
CA ASN B 300 7.87 -24.88 4.31
C ASN B 300 7.72 -23.74 3.30
N SER B 301 8.71 -22.84 3.24
CA SER B 301 8.62 -21.73 2.29
C SER B 301 9.26 -22.11 0.96
N VAL B 302 8.65 -21.65 -0.13
CA VAL B 302 9.17 -21.96 -1.45
C VAL B 302 10.46 -21.20 -1.76
N LEU B 303 10.70 -20.12 -1.03
CA LEU B 303 11.89 -19.31 -1.23
C LEU B 303 12.88 -19.39 -0.08
N ALA B 304 14.16 -19.19 -0.40
CA ALA B 304 15.20 -19.13 0.60
C ALA B 304 15.06 -17.66 0.95
N GLN B 305 14.20 -17.37 1.91
CA GLN B 305 13.90 -16.01 2.31
C GLN B 305 15.05 -15.08 2.65
N ASP B 306 16.20 -15.63 3.02
CA ASP B 306 17.35 -14.79 3.33
C ASP B 306 17.76 -14.03 2.07
N LYS B 307 17.36 -14.56 0.92
CA LYS B 307 17.68 -13.97 -0.38
C LYS B 307 16.95 -12.64 -0.60
N LEU B 308 15.80 -12.50 0.07
CA LEU B 308 14.99 -11.29 -0.06
C LEU B 308 15.62 -10.12 0.67
N LEU B 309 16.48 -10.41 1.63
CA LEU B 309 17.13 -9.37 2.41
C LEU B 309 18.32 -8.78 1.66
N LEU B 310 18.72 -7.57 2.05
CA LEU B 310 19.87 -6.93 1.44
C LEU B 310 21.07 -7.75 1.89
N HIS B 311 21.67 -8.52 0.97
CA HIS B 311 22.81 -9.35 1.35
C HIS B 311 23.93 -9.36 0.32
N HIS B 312 23.71 -8.71 -0.81
CA HIS B 312 24.72 -8.65 -1.86
C HIS B 312 25.88 -7.80 -1.39
N ASP B 313 27.08 -8.07 -1.93
CA ASP B 313 28.24 -7.26 -1.59
C ASP B 313 28.01 -5.96 -2.34
N MET B 314 27.85 -4.86 -1.60
CA MET B 314 27.59 -3.55 -2.20
C MET B 314 28.83 -2.67 -2.34
N THR B 315 30.01 -3.29 -2.27
CA THR B 315 31.26 -2.53 -2.37
C THR B 315 31.95 -2.60 -3.73
N GLN B 316 31.34 -3.25 -4.70
CA GLN B 316 31.95 -3.35 -6.02
C GLN B 316 31.63 -2.11 -6.85
N PRO B 317 32.35 -1.89 -7.96
CA PRO B 317 32.11 -0.72 -8.82
C PRO B 317 30.67 -0.66 -9.32
N LEU B 318 30.13 0.55 -9.39
CA LEU B 318 28.76 0.79 -9.84
C LEU B 318 28.30 0.00 -11.06
N ASN B 319 29.15 -0.07 -12.09
CA ASN B 319 28.81 -0.78 -13.33
C ASN B 319 28.88 -2.30 -13.22
N HIS B 320 29.11 -2.81 -12.02
CA HIS B 320 29.16 -4.26 -11.84
C HIS B 320 27.86 -4.79 -11.26
N TYR B 321 26.83 -3.95 -11.33
CA TYR B 321 25.51 -4.30 -10.82
C TYR B 321 24.45 -4.08 -11.89
N PHE B 322 23.36 -4.83 -11.76
CA PHE B 322 22.22 -4.64 -12.64
C PHE B 322 21.50 -3.55 -11.82
N ILE B 323 21.06 -2.50 -12.48
CA ILE B 323 20.40 -1.40 -11.80
C ILE B 323 18.97 -1.22 -12.29
N ASN B 324 18.01 -1.32 -11.38
CA ASN B 324 16.58 -1.19 -11.71
C ASN B 324 16.34 0.15 -12.41
N SER B 325 15.93 0.08 -13.67
CA SER B 325 15.74 1.30 -14.46
C SER B 325 14.39 1.53 -15.13
N SER B 326 13.98 2.79 -15.12
CA SER B 326 12.71 3.23 -15.69
C SER B 326 12.92 4.16 -16.88
N HIS B 327 12.07 3.99 -17.91
CA HIS B 327 12.11 4.81 -19.12
C HIS B 327 11.00 5.87 -19.13
N ASN B 328 11.27 7.06 -19.66
CA ASN B 328 10.29 8.15 -19.72
C ASN B 328 9.37 8.06 -18.50
N THR B 329 10.01 8.06 -17.34
CA THR B 329 9.36 7.93 -16.05
C THR B 329 8.12 8.79 -15.81
N TYR B 330 8.15 10.02 -16.30
CA TYR B 330 7.04 10.96 -16.13
C TYR B 330 5.71 10.53 -16.78
N LEU B 331 5.74 9.58 -17.72
CA LEU B 331 4.51 9.15 -18.39
C LEU B 331 3.74 8.07 -17.61
N THR B 332 2.44 8.25 -17.51
CA THR B 332 1.57 7.31 -16.79
C THR B 332 0.86 6.33 -17.73
N ALA B 333 0.89 6.62 -19.03
CA ALA B 333 0.23 5.75 -20.00
C ALA B 333 1.19 5.29 -21.09
N GLY B 334 0.84 5.55 -22.35
CA GLY B 334 0.86 6.06 -23.74
C GLY B 334 1.99 7.06 -23.95
N GLN B 335 2.83 6.81 -24.94
CA GLN B 335 3.96 7.67 -25.27
C GLN B 335 3.55 8.92 -26.06
N PHE B 336 2.48 8.82 -26.84
CA PHE B 336 2.03 9.95 -27.66
C PHE B 336 0.86 10.72 -27.08
N SER B 337 -0.05 10.00 -26.45
CA SER B 337 -1.23 10.62 -25.83
C SER B 337 -1.35 10.06 -24.43
N GLY B 338 -1.66 10.92 -23.47
CA GLY B 338 -1.78 10.46 -22.10
C GLY B 338 -1.19 11.50 -21.17
N LEU B 339 -1.35 11.31 -19.86
CA LEU B 339 -0.83 12.30 -18.95
C LEU B 339 0.54 12.01 -18.35
N SER B 340 1.23 13.07 -18.00
CA SER B 340 2.54 12.99 -17.37
C SER B 340 2.23 13.33 -15.91
N SER B 341 3.03 12.81 -14.99
CA SER B 341 2.80 13.07 -13.58
C SER B 341 4.06 12.91 -12.75
N ALA B 342 4.30 13.85 -11.87
CA ALA B 342 5.48 13.80 -11.02
C ALA B 342 5.36 12.60 -10.07
N GLU B 343 4.13 12.19 -9.79
CA GLU B 343 3.86 11.06 -8.89
C GLU B 343 4.53 9.75 -9.38
N MET B 344 4.70 9.61 -10.69
CA MET B 344 5.34 8.40 -11.24
C MET B 344 6.73 8.22 -10.64
N TYR B 345 7.44 9.34 -10.46
CA TYR B 345 8.77 9.29 -9.87
C TYR B 345 8.72 8.70 -8.48
N ARG B 346 7.76 9.15 -7.67
CA ARG B 346 7.62 8.64 -6.32
C ARG B 346 7.37 7.13 -6.37
N GLN B 347 6.39 6.72 -7.18
CA GLN B 347 6.03 5.30 -7.30
C GLN B 347 7.17 4.38 -7.73
N VAL B 348 7.91 4.73 -8.78
CA VAL B 348 8.99 3.85 -9.20
C VAL B 348 10.10 3.81 -8.15
N LEU B 349 10.42 4.97 -7.57
CA LEU B 349 11.48 5.02 -6.54
C LEU B 349 11.09 4.22 -5.31
N LEU B 350 9.81 4.21 -4.94
CA LEU B 350 9.33 3.47 -3.77
C LEU B 350 9.46 1.96 -3.98
N SER B 351 9.59 1.53 -5.23
CA SER B 351 9.74 0.11 -5.54
C SER B 351 11.20 -0.26 -5.73
N GLY B 352 12.07 0.70 -5.43
CA GLY B 352 13.49 0.43 -5.56
C GLY B 352 14.11 0.79 -6.90
N CYS B 353 13.35 1.43 -7.78
CA CYS B 353 13.91 1.83 -9.07
C CYS B 353 15.04 2.80 -8.71
N ARG B 354 16.18 2.67 -9.38
CA ARG B 354 17.33 3.52 -9.08
C ARG B 354 17.76 4.45 -10.22
N CYS B 355 17.11 4.33 -11.38
CA CYS B 355 17.45 5.18 -12.52
C CYS B 355 16.16 5.64 -13.18
N VAL B 356 15.93 6.95 -13.17
CA VAL B 356 14.73 7.53 -13.73
C VAL B 356 15.06 8.52 -14.84
N GLU B 357 14.07 8.88 -15.63
CA GLU B 357 14.31 9.77 -16.75
C GLU B 357 13.46 11.05 -16.77
N LEU B 358 14.08 12.15 -17.17
CA LEU B 358 13.41 13.45 -17.24
C LEU B 358 13.67 14.09 -18.60
N ASP B 359 12.63 14.24 -19.41
CA ASP B 359 12.76 14.88 -20.72
C ASP B 359 12.45 16.36 -20.47
N CYS B 360 13.48 17.18 -20.53
CA CYS B 360 13.34 18.60 -20.24
C CYS B 360 13.16 19.53 -21.42
N TRP B 361 12.14 20.38 -21.33
CA TRP B 361 11.84 21.33 -22.39
C TRP B 361 11.62 22.72 -21.79
N LYS B 362 11.95 23.72 -22.58
CA LYS B 362 11.85 25.13 -22.23
C LYS B 362 10.41 25.57 -21.96
N GLY B 363 10.23 26.46 -20.98
CA GLY B 363 8.89 26.96 -20.68
C GLY B 363 8.72 28.32 -21.36
N LYS B 364 7.47 28.73 -21.58
CA LYS B 364 7.19 30.01 -22.24
C LYS B 364 7.09 31.16 -21.22
N PRO B 365 7.16 32.41 -21.71
CA PRO B 365 7.04 33.54 -20.78
C PRO B 365 5.57 33.62 -20.37
N PRO B 366 5.25 34.39 -19.33
CA PRO B 366 6.17 35.18 -18.50
C PRO B 366 6.98 34.42 -17.46
N ASP B 367 6.61 33.18 -17.19
CA ASP B 367 7.35 32.43 -16.17
C ASP B 367 8.70 31.85 -16.55
N GLU B 368 8.87 31.47 -17.80
CA GLU B 368 10.14 30.89 -18.25
C GLU B 368 10.51 29.71 -17.34
N GLU B 369 9.53 28.87 -17.03
CA GLU B 369 9.75 27.70 -16.16
C GLU B 369 9.91 26.41 -16.96
N PRO B 370 11.05 25.72 -16.81
CA PRO B 370 11.27 24.47 -17.54
C PRO B 370 10.22 23.40 -17.20
N ILE B 371 9.85 22.63 -18.21
CA ILE B 371 8.86 21.58 -18.05
C ILE B 371 9.41 20.22 -18.47
N ILE B 372 8.62 19.19 -18.20
CA ILE B 372 8.95 17.82 -18.57
C ILE B 372 7.75 17.26 -19.33
N THR B 373 8.02 16.69 -20.50
CA THR B 373 6.99 16.10 -21.34
C THR B 373 7.69 15.33 -22.44
N HIS B 374 6.92 14.60 -23.24
CA HIS B 374 7.46 13.87 -24.35
C HIS B 374 7.24 14.87 -25.49
N GLY B 375 8.33 15.53 -25.91
CA GLY B 375 8.24 16.53 -26.96
C GLY B 375 7.62 16.09 -28.26
N PHE B 376 6.87 16.99 -28.88
CA PHE B 376 6.19 16.75 -30.15
C PHE B 376 5.10 15.69 -30.13
N THR B 377 4.43 15.53 -29.00
CA THR B 377 3.34 14.57 -28.89
C THR B 377 2.15 15.31 -28.29
N MET B 378 1.22 14.56 -27.71
CA MET B 378 0.05 15.17 -27.07
C MET B 378 0.04 14.88 -25.58
N THR B 379 1.13 14.30 -25.06
CA THR B 379 1.21 14.01 -23.65
C THR B 379 1.18 15.33 -22.87
N THR B 380 0.60 15.33 -21.67
CA THR B 380 0.54 16.57 -20.88
C THR B 380 1.92 16.92 -20.32
N ASP B 381 2.01 18.11 -19.73
CA ASP B 381 3.27 18.60 -19.16
C ASP B 381 3.20 18.69 -17.64
N ILE B 382 4.38 18.65 -17.02
CA ILE B 382 4.51 18.85 -15.58
C ILE B 382 5.70 19.79 -15.50
N PHE B 383 5.86 20.48 -14.37
CA PHE B 383 7.00 21.37 -14.21
C PHE B 383 8.21 20.56 -13.81
N PHE B 384 9.38 20.95 -14.34
CA PHE B 384 10.64 20.30 -14.01
C PHE B 384 10.79 20.27 -12.49
N LYS B 385 10.44 21.38 -11.86
CA LYS B 385 10.56 21.54 -10.40
C LYS B 385 9.78 20.49 -9.61
N GLU B 386 8.55 20.21 -10.04
CA GLU B 386 7.75 19.22 -9.31
C GLU B 386 8.38 17.83 -9.37
N ALA B 387 9.03 17.52 -10.49
CA ALA B 387 9.68 16.22 -10.63
C ALA B 387 10.83 16.14 -9.62
N ILE B 388 11.56 17.23 -9.46
CA ILE B 388 12.67 17.27 -8.52
C ILE B 388 12.15 17.11 -7.09
N GLU B 389 11.02 17.76 -6.80
CA GLU B 389 10.43 17.66 -5.47
C GLU B 389 9.96 16.24 -5.19
N ALA B 390 9.39 15.61 -6.21
CA ALA B 390 8.91 14.24 -6.07
C ALA B 390 10.10 13.31 -5.81
N ILE B 391 11.17 13.50 -6.57
CA ILE B 391 12.35 12.67 -6.42
C ILE B 391 13.02 12.82 -5.05
N ALA B 392 13.21 14.07 -4.62
CA ALA B 392 13.86 14.35 -3.34
C ALA B 392 13.11 13.69 -2.18
N GLU B 393 11.79 13.66 -2.30
CA GLU B 393 10.94 13.06 -1.27
C GLU B 393 11.09 11.56 -1.12
N SER B 394 10.94 10.85 -2.23
CA SER B 394 10.96 9.38 -2.24
C SER B 394 12.28 8.68 -2.51
N ALA B 395 13.27 9.41 -3.02
CA ALA B 395 14.56 8.83 -3.37
C ALA B 395 15.09 7.71 -2.47
N PHE B 396 15.14 7.96 -1.17
CA PHE B 396 15.71 6.97 -0.27
C PHE B 396 14.78 6.44 0.81
N LYS B 397 13.48 6.40 0.54
CA LYS B 397 12.52 5.90 1.52
C LYS B 397 12.57 4.38 1.65
N THR B 398 12.82 3.67 0.54
CA THR B 398 12.85 2.21 0.59
C THR B 398 14.20 1.59 0.24
N SER B 399 15.12 2.41 -0.23
CA SER B 399 16.47 1.94 -0.55
C SER B 399 17.44 3.09 -0.27
N PRO B 400 18.57 2.79 0.38
CA PRO B 400 19.56 3.82 0.69
C PRO B 400 20.60 4.00 -0.41
N TYR B 401 20.54 3.17 -1.44
CA TYR B 401 21.52 3.23 -2.51
C TYR B 401 21.30 4.28 -3.60
N PRO B 402 22.41 4.82 -4.16
CA PRO B 402 22.43 5.85 -5.20
C PRO B 402 21.46 5.73 -6.36
N ILE B 403 20.97 6.88 -6.81
CA ILE B 403 20.03 6.96 -7.90
C ILE B 403 20.63 7.80 -9.02
N ILE B 404 20.27 7.47 -10.26
CA ILE B 404 20.78 8.20 -11.40
C ILE B 404 19.63 8.88 -12.12
N LEU B 405 19.77 10.18 -12.38
CA LEU B 405 18.74 10.92 -13.08
C LEU B 405 19.20 11.10 -14.52
N SER B 406 18.55 10.41 -15.44
CA SER B 406 18.90 10.50 -16.84
C SER B 406 18.17 11.68 -17.47
N PHE B 407 18.91 12.76 -17.71
CA PHE B 407 18.36 13.95 -18.32
C PHE B 407 18.39 13.89 -19.84
N GLU B 408 17.26 14.16 -20.47
CA GLU B 408 17.22 14.22 -21.93
C GLU B 408 16.91 15.70 -22.07
N ASN B 409 17.98 16.49 -22.18
CA ASN B 409 17.85 17.94 -22.23
C ASN B 409 17.60 18.60 -23.57
N HIS B 410 16.49 19.34 -23.65
CA HIS B 410 16.12 20.06 -24.85
C HIS B 410 15.91 21.53 -24.51
N VAL B 411 16.36 21.91 -23.32
CA VAL B 411 16.23 23.29 -22.85
C VAL B 411 17.31 24.18 -23.46
N ASP B 412 17.01 24.79 -24.60
CA ASP B 412 17.95 25.66 -25.29
C ASP B 412 17.82 27.08 -24.75
N SER B 413 18.21 27.23 -23.49
CA SER B 413 18.14 28.49 -22.80
C SER B 413 19.06 28.44 -21.60
N PRO B 414 20.15 29.23 -21.63
CA PRO B 414 21.07 29.22 -20.50
C PRO B 414 20.39 29.57 -19.17
N ARG B 415 19.41 30.46 -19.20
CA ARG B 415 18.73 30.84 -17.97
C ARG B 415 17.90 29.71 -17.38
N GLN B 416 17.11 29.04 -18.22
CA GLN B 416 16.29 27.93 -17.73
C GLN B 416 17.14 26.73 -17.32
N GLN B 417 18.29 26.56 -17.96
CA GLN B 417 19.20 25.47 -17.60
C GLN B 417 19.78 25.80 -16.23
N ALA B 418 19.99 27.09 -15.98
CA ALA B 418 20.52 27.53 -14.69
C ALA B 418 19.42 27.27 -13.65
N LYS B 419 18.17 27.53 -14.00
CA LYS B 419 17.05 27.27 -13.10
C LYS B 419 17.05 25.78 -12.73
N MET B 420 17.22 24.94 -13.75
CA MET B 420 17.25 23.49 -13.55
C MET B 420 18.34 23.08 -12.55
N ALA B 421 19.55 23.57 -12.76
CA ALA B 421 20.66 23.25 -11.88
C ALA B 421 20.38 23.77 -10.46
N GLU B 422 19.82 24.97 -10.40
CA GLU B 422 19.48 25.61 -9.12
C GLU B 422 18.46 24.76 -8.35
N TYR B 423 17.42 24.30 -9.05
CA TYR B 423 16.40 23.48 -8.41
C TYR B 423 17.02 22.22 -7.83
N CYS B 424 17.92 21.59 -8.60
CA CYS B 424 18.57 20.37 -8.13
C CYS B 424 19.42 20.61 -6.88
N ARG B 425 20.29 21.61 -6.94
CA ARG B 425 21.17 21.92 -5.81
C ARG B 425 20.39 22.26 -4.54
N THR B 426 19.41 23.16 -4.66
CA THR B 426 18.62 23.57 -3.51
C THR B 426 17.67 22.50 -2.96
N ILE B 427 16.92 21.84 -3.83
CA ILE B 427 15.98 20.83 -3.37
C ILE B 427 16.63 19.52 -2.91
N PHE B 428 17.63 19.07 -3.65
CA PHE B 428 18.32 17.82 -3.27
C PHE B 428 19.30 18.05 -2.12
N GLY B 429 19.84 19.27 -2.03
CA GLY B 429 20.77 19.58 -0.96
C GLY B 429 21.96 18.64 -0.91
N ASP B 430 22.28 18.15 0.28
CA ASP B 430 23.41 17.24 0.46
C ASP B 430 23.28 15.89 -0.24
N MET B 431 22.08 15.57 -0.71
CA MET B 431 21.86 14.30 -1.40
C MET B 431 22.50 14.33 -2.78
N LEU B 432 22.59 15.52 -3.36
CA LEU B 432 23.17 15.68 -4.68
C LEU B 432 24.70 15.58 -4.70
N LEU B 433 25.22 14.68 -5.53
CA LEU B 433 26.67 14.53 -5.64
C LEU B 433 27.07 15.61 -6.65
N THR B 434 27.67 16.69 -6.17
CA THR B 434 28.07 17.79 -7.02
C THR B 434 29.52 17.73 -7.49
N GLU B 435 30.31 16.85 -6.87
CA GLU B 435 31.71 16.70 -7.23
C GLU B 435 32.19 15.28 -7.02
N PRO B 436 33.18 14.84 -7.80
CA PRO B 436 33.70 13.47 -7.66
C PRO B 436 34.22 13.19 -6.25
N LEU B 437 34.34 11.91 -5.92
CA LEU B 437 34.85 11.51 -4.62
C LEU B 437 36.37 11.58 -4.68
N GLU B 438 36.99 11.86 -3.54
CA GLU B 438 38.43 11.97 -3.45
C GLU B 438 39.14 10.71 -3.94
N LYS B 439 38.68 9.55 -3.47
CA LYS B 439 39.29 8.29 -3.87
C LYS B 439 39.03 7.84 -5.31
N PHE B 440 38.13 8.53 -6.01
CA PHE B 440 37.81 8.16 -7.39
C PHE B 440 37.79 9.34 -8.36
N PRO B 441 38.98 9.77 -8.83
CA PRO B 441 39.09 10.89 -9.77
C PRO B 441 38.54 10.52 -11.14
N LEU B 442 38.07 11.51 -11.88
CA LEU B 442 37.54 11.26 -13.22
C LEU B 442 38.72 11.21 -14.19
N LYS B 443 39.49 10.12 -14.10
CA LYS B 443 40.65 9.93 -14.95
C LYS B 443 40.63 8.53 -15.55
N PRO B 444 41.26 8.36 -16.72
CA PRO B 444 41.30 7.06 -17.38
C PRO B 444 41.89 6.00 -16.47
N GLY B 445 41.37 4.78 -16.57
CA GLY B 445 41.89 3.71 -15.74
C GLY B 445 41.34 3.63 -14.34
N VAL B 446 40.64 4.67 -13.89
CA VAL B 446 40.06 4.67 -12.55
C VAL B 446 38.66 4.06 -12.62
N PRO B 447 38.37 3.09 -11.72
CA PRO B 447 37.07 2.42 -11.69
C PRO B 447 36.01 3.31 -11.03
N LEU B 448 34.75 2.99 -11.26
CA LEU B 448 33.65 3.75 -10.68
C LEU B 448 33.51 3.43 -9.20
N PRO B 449 32.98 4.38 -8.42
CA PRO B 449 32.80 4.16 -6.98
C PRO B 449 31.74 3.06 -6.80
N SER B 450 31.60 2.56 -5.59
CA SER B 450 30.63 1.50 -5.32
C SER B 450 29.31 2.07 -4.82
N PRO B 451 28.25 1.25 -4.80
CA PRO B 451 26.95 1.73 -4.32
C PRO B 451 27.12 2.25 -2.88
N GLU B 452 27.97 1.57 -2.10
CA GLU B 452 28.22 1.99 -0.73
C GLU B 452 28.92 3.35 -0.68
N ASP B 453 29.92 3.53 -1.53
CA ASP B 453 30.64 4.80 -1.56
C ASP B 453 29.71 5.96 -1.89
N LEU B 454 28.66 5.67 -2.66
CA LEU B 454 27.70 6.69 -3.07
C LEU B 454 26.35 6.56 -2.39
N ARG B 455 26.37 5.96 -1.21
CA ARG B 455 25.15 5.75 -0.43
C ARG B 455 24.39 7.06 -0.22
N GLY B 456 23.09 7.04 -0.50
CA GLY B 456 22.26 8.22 -0.32
C GLY B 456 22.56 9.38 -1.25
N LYS B 457 23.25 9.10 -2.36
CA LYS B 457 23.59 10.16 -3.29
C LYS B 457 22.78 10.12 -4.58
N ILE B 458 22.53 11.30 -5.12
CA ILE B 458 21.79 11.45 -6.37
C ILE B 458 22.78 11.89 -7.45
N LEU B 459 22.88 11.12 -8.51
CA LEU B 459 23.78 11.43 -9.62
C LEU B 459 23.04 11.90 -10.86
N ILE B 460 23.53 12.99 -11.45
CA ILE B 460 22.90 13.53 -12.63
C ILE B 460 23.61 13.13 -13.91
N LYS B 461 22.86 12.50 -14.81
CA LYS B 461 23.37 12.09 -16.10
C LYS B 461 22.88 13.14 -17.09
N ASN B 462 23.82 13.97 -17.55
CA ASN B 462 23.52 15.04 -18.49
C ASN B 462 24.78 15.30 -19.30
N LYS B 463 24.63 15.88 -20.49
CA LYS B 463 25.81 16.18 -21.29
C LYS B 463 26.70 17.11 -20.48
N LYS B 464 28.02 16.94 -20.61
CA LYS B 464 28.96 17.75 -19.87
C LYS B 464 29.93 18.45 -20.82
N GLU B 512 30.87 16.90 -29.99
CA GLU B 512 29.57 16.15 -30.00
C GLU B 512 28.45 17.03 -30.53
N GLU B 513 27.60 16.44 -31.38
CA GLU B 513 26.50 17.16 -31.98
C GLU B 513 25.41 17.55 -30.98
N SER B 514 24.90 18.76 -31.14
CA SER B 514 23.85 19.29 -30.28
C SER B 514 22.91 20.08 -31.19
N GLY B 515 21.72 20.38 -30.69
CA GLY B 515 20.79 21.13 -31.50
C GLY B 515 19.34 20.96 -31.08
N ASN B 516 18.47 21.74 -31.70
CA ASN B 516 17.05 21.68 -31.40
C ASN B 516 16.40 20.74 -32.40
N LEU B 517 15.37 20.02 -31.94
CA LEU B 517 14.68 19.08 -32.80
C LEU B 517 13.63 19.75 -33.69
N ASP B 518 13.50 19.21 -34.89
CA ASP B 518 12.55 19.72 -35.88
C ASP B 518 11.51 18.63 -36.13
N GLU B 519 10.38 19.01 -36.72
CA GLU B 519 9.32 18.06 -37.02
C GLU B 519 9.88 16.98 -37.96
N GLU B 520 10.73 17.41 -38.89
CA GLU B 520 11.36 16.53 -39.86
C GLU B 520 12.45 15.70 -39.19
N GLU B 521 13.23 16.33 -38.33
CA GLU B 521 14.31 15.64 -37.63
C GLU B 521 13.77 14.56 -36.70
N ILE B 522 12.56 14.78 -36.19
CA ILE B 522 11.95 13.80 -35.30
C ILE B 522 11.16 12.81 -36.16
N LYS B 523 10.98 13.16 -37.43
CA LYS B 523 10.27 12.30 -38.37
C LYS B 523 11.06 11.02 -38.61
N LYS B 524 12.35 11.16 -38.91
CA LYS B 524 13.18 10.01 -39.18
C LYS B 524 13.90 9.44 -37.95
N MET B 525 13.43 9.79 -36.77
CA MET B 525 14.00 9.27 -35.53
C MET B 525 12.88 8.68 -34.70
N GLN B 526 11.66 9.15 -34.98
CA GLN B 526 10.45 8.72 -34.29
C GLN B 526 10.36 7.20 -34.09
N SER B 527 10.75 6.46 -35.13
CA SER B 527 10.68 5.00 -35.08
C SER B 527 11.78 4.34 -34.24
N ASP B 528 12.87 5.06 -34.01
CA ASP B 528 13.96 4.48 -33.23
C ASP B 528 14.30 5.22 -31.95
N GLU B 529 15.28 6.13 -32.02
CA GLU B 529 15.71 6.89 -30.85
C GLU B 529 14.72 7.92 -30.33
N GLY B 530 13.86 8.42 -31.19
CA GLY B 530 12.90 9.42 -30.75
C GLY B 530 13.58 10.73 -30.40
N THR B 531 12.97 11.48 -29.49
CA THR B 531 13.50 12.78 -29.06
C THR B 531 14.87 12.65 -28.43
N ALA B 532 15.21 11.46 -27.95
CA ALA B 532 16.51 11.23 -27.33
C ALA B 532 17.62 11.29 -28.37
N GLY B 533 17.25 11.27 -29.65
CA GLY B 533 18.23 11.30 -30.73
C GLY B 533 19.04 12.58 -30.86
N LEU B 534 18.57 13.66 -30.24
CA LEU B 534 19.30 14.93 -30.31
C LEU B 534 18.97 15.85 -29.14
N GLU B 535 19.99 16.27 -28.41
CA GLU B 535 19.83 17.16 -27.27
C GLU B 535 20.57 18.47 -27.50
N VAL B 536 20.26 19.47 -26.69
CA VAL B 536 20.91 20.76 -26.81
C VAL B 536 22.24 20.71 -26.08
N THR B 537 23.04 21.76 -26.25
CA THR B 537 24.34 21.84 -25.60
C THR B 537 24.12 22.05 -24.11
N ALA B 538 25.01 21.52 -23.30
CA ALA B 538 24.91 21.67 -21.86
C ALA B 538 25.71 22.92 -21.49
N TYR B 539 25.08 23.85 -20.79
CA TYR B 539 25.78 25.05 -20.39
C TYR B 539 26.56 24.80 -19.11
N GLU B 540 27.22 25.82 -18.61
CA GLU B 540 28.05 25.69 -17.42
C GLU B 540 27.35 25.14 -16.18
N GLU B 541 26.23 25.75 -15.81
CA GLU B 541 25.48 25.33 -14.62
C GLU B 541 25.15 23.83 -14.57
N MET B 542 24.60 23.29 -15.65
CA MET B 542 24.25 21.88 -15.68
C MET B 542 25.49 20.98 -15.77
N SER B 543 26.47 21.39 -16.58
CA SER B 543 27.71 20.63 -16.76
C SER B 543 28.44 20.38 -15.44
N SER B 544 28.45 21.38 -14.58
CA SER B 544 29.12 21.27 -13.29
C SER B 544 28.55 20.17 -12.41
N LEU B 545 27.31 19.78 -12.67
CA LEU B 545 26.68 18.74 -11.86
C LEU B 545 26.98 17.32 -12.32
N VAL B 546 27.57 17.18 -13.51
CA VAL B 546 27.88 15.85 -14.02
C VAL B 546 29.28 15.37 -13.64
N ASN B 547 29.37 14.11 -13.22
CA ASN B 547 30.64 13.52 -12.83
C ASN B 547 30.83 12.07 -13.27
N TYR B 548 30.12 11.15 -12.63
CA TYR B 548 30.44 9.72 -12.82
C TYR B 548 29.55 9.14 -13.91
N ILE B 549 28.52 9.87 -14.32
CA ILE B 549 27.62 9.38 -15.37
C ILE B 549 27.56 10.37 -16.53
N GLN B 550 28.66 10.43 -17.30
CA GLN B 550 28.76 11.33 -18.43
C GLN B 550 28.33 10.66 -19.73
N PRO B 551 27.24 11.14 -20.34
CA PRO B 551 26.75 10.56 -21.59
C PRO B 551 27.46 11.10 -22.82
N THR B 552 27.86 10.19 -23.71
CA THR B 552 28.52 10.56 -24.95
C THR B 552 27.96 9.68 -26.04
N LYS B 553 27.89 10.18 -27.26
CA LYS B 553 27.37 9.38 -28.36
C LYS B 553 28.35 8.24 -28.56
N PHE B 554 27.82 7.03 -28.78
CA PHE B 554 28.65 5.86 -28.98
C PHE B 554 29.34 5.93 -30.35
N VAL B 555 30.60 5.53 -30.39
CA VAL B 555 31.37 5.53 -31.64
C VAL B 555 31.65 4.09 -32.04
N SER B 556 32.36 3.37 -31.16
CA SER B 556 32.69 1.98 -31.40
C SER B 556 33.22 1.43 -30.09
N PHE B 557 33.27 0.10 -29.97
CA PHE B 557 33.78 -0.49 -28.74
C PHE B 557 35.29 -0.27 -28.61
N GLU B 558 36.01 -0.29 -29.72
CA GLU B 558 37.45 -0.07 -29.63
C GLU B 558 37.72 1.38 -29.22
N PHE B 559 36.93 2.31 -29.75
CA PHE B 559 37.08 3.71 -29.38
C PHE B 559 36.90 3.84 -27.87
N SER B 560 35.85 3.21 -27.35
CA SER B 560 35.57 3.25 -25.91
C SER B 560 36.69 2.61 -25.12
N ALA B 561 37.15 1.45 -25.60
CA ALA B 561 38.23 0.75 -24.94
C ALA B 561 39.49 1.62 -24.99
N GLN B 562 39.68 2.34 -26.10
CA GLN B 562 40.85 3.20 -26.25
C GLN B 562 40.83 4.31 -25.19
N LYS B 563 39.72 5.04 -25.10
CA LYS B 563 39.58 6.11 -24.12
C LYS B 563 39.73 5.63 -22.68
N ASN B 564 39.32 4.39 -22.43
CA ASN B 564 39.40 3.79 -21.11
C ASN B 564 38.83 4.64 -19.97
N ARG B 565 37.66 5.24 -20.20
CA ARG B 565 37.00 6.06 -19.19
C ARG B 565 35.77 5.34 -18.62
N SER B 566 35.84 4.96 -17.35
CA SER B 566 34.75 4.24 -16.71
C SER B 566 33.55 5.12 -16.35
N TYR B 567 33.73 6.44 -16.41
CA TYR B 567 32.67 7.38 -16.08
C TYR B 567 31.86 7.86 -17.30
N VAL B 568 32.06 7.20 -18.44
CA VAL B 568 31.32 7.57 -19.64
C VAL B 568 30.23 6.52 -19.85
N ILE B 569 29.02 6.97 -20.15
CA ILE B 569 27.93 6.03 -20.36
C ILE B 569 27.41 6.10 -21.79
N SER B 570 27.06 4.94 -22.33
CA SER B 570 26.54 4.84 -23.69
C SER B 570 25.09 4.38 -23.59
N SER B 571 24.22 5.03 -24.35
CA SER B 571 22.80 4.69 -24.33
C SER B 571 22.39 4.15 -25.68
N PHE B 572 21.63 3.06 -25.66
CA PHE B 572 21.18 2.44 -26.88
C PHE B 572 19.70 2.08 -26.84
N THR B 573 19.09 2.13 -28.00
CA THR B 573 17.70 1.74 -28.16
C THR B 573 17.77 0.20 -28.14
N GLU B 574 16.65 -0.46 -27.89
CA GLU B 574 16.66 -1.92 -27.89
C GLU B 574 17.12 -2.44 -29.25
N LEU B 575 16.84 -1.69 -30.31
CA LEU B 575 17.23 -2.09 -31.66
C LEU B 575 18.73 -1.98 -31.91
N LYS B 576 19.29 -0.84 -31.51
CA LYS B 576 20.70 -0.59 -31.67
C LYS B 576 21.51 -1.58 -30.82
N ALA B 577 21.06 -1.80 -29.58
CA ALA B 577 21.74 -2.70 -28.68
C ALA B 577 21.70 -4.13 -29.22
N TYR B 578 20.56 -4.50 -29.80
CA TYR B 578 20.40 -5.84 -30.37
C TYR B 578 21.34 -5.98 -31.57
N ASP B 579 21.41 -4.94 -32.40
CA ASP B 579 22.27 -4.95 -33.59
C ASP B 579 23.73 -5.10 -33.18
N LEU B 580 24.12 -4.43 -32.10
CA LEU B 580 25.50 -4.51 -31.61
C LEU B 580 25.83 -5.91 -31.10
N LEU B 581 24.85 -6.57 -30.51
CA LEU B 581 25.06 -7.93 -30.01
C LEU B 581 25.19 -8.92 -31.14
N SER B 582 24.63 -8.59 -32.29
CA SER B 582 24.70 -9.49 -33.45
C SER B 582 26.01 -9.31 -34.22
N LYS B 583 26.66 -8.16 -34.04
CA LYS B 583 27.89 -7.86 -34.75
C LYS B 583 29.15 -7.85 -33.89
N ALA B 584 29.00 -7.50 -32.61
CA ALA B 584 30.15 -7.42 -31.73
C ALA B 584 29.81 -7.82 -30.31
N SER B 585 29.24 -9.01 -30.16
CA SER B 585 28.84 -9.52 -28.85
C SER B 585 30.00 -9.60 -27.88
N VAL B 586 31.15 -10.06 -28.37
CA VAL B 586 32.32 -10.20 -27.51
C VAL B 586 32.75 -8.86 -26.91
N GLN B 587 32.81 -7.81 -27.74
CA GLN B 587 33.21 -6.53 -27.22
C GLN B 587 32.13 -5.86 -26.36
N PHE B 588 30.86 -6.13 -26.64
CA PHE B 588 29.78 -5.55 -25.85
C PHE B 588 29.92 -6.06 -24.42
N VAL B 589 30.17 -7.36 -24.31
CA VAL B 589 30.32 -7.99 -23.00
C VAL B 589 31.50 -7.38 -22.24
N ASP B 590 32.62 -7.18 -22.92
CA ASP B 590 33.79 -6.60 -22.27
C ASP B 590 33.56 -5.14 -21.90
N TYR B 591 32.84 -4.41 -22.75
CA TYR B 591 32.54 -3.01 -22.49
C TYR B 591 31.84 -2.83 -21.14
N ASN B 592 30.85 -3.66 -20.88
CA ASN B 592 30.09 -3.54 -19.63
C ASN B 592 30.87 -3.80 -18.35
N LYS B 593 32.05 -4.40 -18.46
CA LYS B 593 32.87 -4.65 -17.27
C LYS B 593 33.57 -3.36 -16.85
N ARG B 594 33.76 -2.46 -17.81
CA ARG B 594 34.43 -1.18 -17.57
C ARG B 594 33.47 0.01 -17.51
N GLN B 595 32.43 -0.01 -18.33
CA GLN B 595 31.49 1.10 -18.38
C GLN B 595 30.01 0.72 -18.32
N MET B 596 29.18 1.76 -18.21
CA MET B 596 27.74 1.64 -18.14
C MET B 596 27.11 1.71 -19.53
N SER B 597 26.04 0.96 -19.71
CA SER B 597 25.28 1.01 -20.96
C SER B 597 23.82 1.06 -20.50
N ARG B 598 23.04 1.95 -21.11
CA ARG B 598 21.64 2.09 -20.78
C ARG B 598 20.82 1.71 -22.01
N ILE B 599 19.86 0.83 -21.82
CA ILE B 599 19.01 0.40 -22.93
C ILE B 599 17.62 0.97 -22.72
N TYR B 600 16.95 1.38 -23.79
CA TYR B 600 15.60 1.90 -23.66
C TYR B 600 14.75 1.49 -24.87
N PRO B 601 13.41 1.53 -24.74
CA PRO B 601 12.47 1.16 -25.80
C PRO B 601 12.60 1.94 -27.11
N LYS B 602 12.36 1.26 -28.22
CA LYS B 602 12.41 1.88 -29.54
C LYS B 602 11.21 2.81 -29.66
N GLY B 603 11.36 3.90 -30.42
CA GLY B 603 10.31 4.88 -30.58
C GLY B 603 8.97 4.37 -31.11
N THR B 604 9.02 3.22 -31.78
CA THR B 604 7.83 2.60 -32.35
C THR B 604 6.82 2.09 -31.29
N ARG B 605 7.28 1.90 -30.06
CA ARG B 605 6.39 1.41 -29.00
C ARG B 605 5.56 2.54 -28.40
N MET B 606 4.71 3.16 -29.21
CA MET B 606 3.89 4.27 -28.75
C MET B 606 2.86 3.86 -27.70
N ASP B 607 2.61 2.55 -27.62
CA ASP B 607 1.66 2.00 -26.66
C ASP B 607 2.31 1.77 -25.29
N SER B 608 3.59 2.12 -25.19
CA SER B 608 4.36 1.97 -23.96
C SER B 608 4.60 0.51 -23.59
N SER B 609 4.55 -0.38 -24.57
CA SER B 609 4.81 -1.79 -24.34
C SER B 609 6.32 -1.88 -24.07
N ASN B 610 6.78 -3.03 -23.57
CA ASN B 610 8.19 -3.20 -23.25
C ASN B 610 8.86 -4.32 -24.02
N TYR B 611 10.19 -4.33 -23.98
CA TYR B 611 10.98 -5.37 -24.63
C TYR B 611 11.51 -6.28 -23.51
N MET B 612 11.69 -7.56 -23.81
CA MET B 612 12.20 -8.49 -22.80
C MET B 612 13.64 -8.09 -22.49
N PRO B 613 13.96 -7.90 -21.20
CA PRO B 613 15.28 -7.50 -20.69
C PRO B 613 16.44 -8.51 -20.59
N GLN B 614 16.12 -9.80 -20.45
CA GLN B 614 17.14 -10.83 -20.27
C GLN B 614 18.34 -10.74 -21.19
N MET B 615 18.07 -10.66 -22.49
CA MET B 615 19.12 -10.57 -23.49
C MET B 615 20.17 -9.52 -23.13
N PHE B 616 19.71 -8.35 -22.68
CA PHE B 616 20.63 -7.28 -22.33
C PHE B 616 21.33 -7.50 -21.00
N TRP B 617 20.64 -8.07 -20.02
CA TRP B 617 21.31 -8.35 -18.75
C TRP B 617 22.38 -9.42 -19.00
N ASN B 618 22.09 -10.35 -19.91
CA ASN B 618 23.04 -11.41 -20.25
C ASN B 618 24.36 -10.82 -20.74
N ALA B 619 24.27 -9.69 -21.45
CA ALA B 619 25.46 -9.03 -21.98
C ALA B 619 26.13 -8.12 -20.96
N GLY B 620 25.55 -8.02 -19.76
CA GLY B 620 26.13 -7.17 -18.73
C GLY B 620 25.57 -5.76 -18.68
N CYS B 621 24.57 -5.48 -19.52
CA CYS B 621 23.95 -4.15 -19.53
C CYS B 621 23.33 -3.95 -18.17
N GLN B 622 23.62 -2.83 -17.53
CA GLN B 622 23.11 -2.59 -16.19
C GLN B 622 21.85 -1.78 -16.04
N MET B 623 21.63 -0.82 -16.93
CA MET B 623 20.43 0.00 -16.86
C MET B 623 19.49 -0.33 -18.02
N VAL B 624 18.69 -1.37 -17.84
CA VAL B 624 17.75 -1.80 -18.87
C VAL B 624 16.43 -1.15 -18.52
N ALA B 625 16.23 0.05 -19.05
CA ALA B 625 15.06 0.88 -18.80
C ALA B 625 13.76 0.40 -19.45
N LEU B 626 12.73 0.28 -18.63
CA LEU B 626 11.42 -0.17 -19.08
C LEU B 626 10.34 0.83 -18.70
N ASN B 627 9.18 0.71 -19.35
CA ASN B 627 8.05 1.58 -19.05
C ASN B 627 7.33 0.98 -17.83
N PHE B 628 7.58 1.56 -16.67
CA PHE B 628 6.97 1.09 -15.43
C PHE B 628 5.45 1.16 -15.37
N GLN B 629 4.84 2.03 -16.18
CA GLN B 629 3.39 2.13 -16.18
C GLN B 629 2.74 0.95 -16.91
N THR B 630 3.55 0.10 -17.53
CA THR B 630 3.02 -1.05 -18.27
C THR B 630 3.53 -2.36 -17.70
N MET B 631 2.68 -3.03 -16.94
CA MET B 631 3.07 -4.28 -16.31
C MET B 631 2.94 -5.50 -17.22
N ASP B 632 3.56 -5.44 -18.40
CA ASP B 632 3.54 -6.58 -19.31
C ASP B 632 4.66 -7.52 -18.86
N LEU B 633 4.84 -8.64 -19.54
CA LEU B 633 5.86 -9.62 -19.12
C LEU B 633 7.22 -9.02 -18.74
N PRO B 634 7.81 -8.20 -19.61
CA PRO B 634 9.11 -7.64 -19.22
C PRO B 634 9.11 -6.94 -17.85
N MET B 635 8.08 -6.16 -17.55
CA MET B 635 8.02 -5.50 -16.24
C MET B 635 7.66 -6.49 -15.15
N GLN B 636 6.95 -7.56 -15.51
CA GLN B 636 6.58 -8.57 -14.53
C GLN B 636 7.88 -9.22 -14.03
N GLN B 637 8.80 -9.48 -14.96
CA GLN B 637 10.07 -10.09 -14.60
C GLN B 637 10.93 -9.06 -13.87
N ASN B 638 10.95 -7.82 -14.34
CA ASN B 638 11.76 -6.78 -13.71
C ASN B 638 11.40 -6.60 -12.22
N MET B 639 10.11 -6.44 -11.93
CA MET B 639 9.68 -6.28 -10.54
C MET B 639 10.07 -7.49 -9.71
N ALA B 640 9.90 -8.69 -10.28
CA ALA B 640 10.21 -9.93 -9.59
C ALA B 640 11.68 -10.14 -9.23
N VAL B 641 12.59 -9.87 -10.15
CA VAL B 641 14.01 -10.06 -9.86
C VAL B 641 14.58 -8.98 -8.94
N PHE B 642 14.09 -7.75 -9.08
CA PHE B 642 14.60 -6.67 -8.23
C PHE B 642 13.98 -6.61 -6.83
N GLU B 643 13.12 -7.57 -6.52
CA GLU B 643 12.52 -7.62 -5.19
C GLU B 643 13.60 -8.16 -4.27
N PHE B 644 14.52 -8.93 -4.84
CA PHE B 644 15.61 -9.51 -4.06
C PHE B 644 16.67 -8.50 -3.68
N ASN B 645 17.55 -8.92 -2.77
CA ASN B 645 18.60 -8.05 -2.24
C ASN B 645 17.96 -6.81 -1.62
N GLY B 646 16.92 -7.06 -0.82
CA GLY B 646 16.20 -5.99 -0.12
C GLY B 646 15.51 -4.95 -0.96
N GLN B 647 15.17 -5.30 -2.20
CA GLN B 647 14.54 -4.37 -3.14
C GLN B 647 15.30 -3.05 -3.13
N SER B 648 16.62 -3.15 -3.07
CA SER B 648 17.48 -1.97 -3.07
C SER B 648 17.62 -1.38 -4.46
N GLY B 649 17.25 -2.15 -5.49
CA GLY B 649 17.37 -1.65 -6.85
C GLY B 649 18.70 -2.03 -7.47
N TYR B 650 19.54 -2.72 -6.69
CA TYR B 650 20.85 -3.17 -7.16
C TYR B 650 21.03 -4.67 -6.99
N LEU B 651 21.58 -5.30 -8.02
CA LEU B 651 21.86 -6.73 -8.00
C LEU B 651 23.28 -6.90 -8.53
N LEU B 652 24.14 -7.51 -7.72
CA LEU B 652 25.53 -7.72 -8.11
C LEU B 652 25.66 -8.78 -9.19
N LYS B 653 26.30 -8.44 -10.31
CA LYS B 653 26.48 -9.40 -11.39
C LYS B 653 27.33 -10.58 -10.91
N HIS B 654 27.20 -11.70 -11.61
CA HIS B 654 27.98 -12.90 -11.31
C HIS B 654 29.45 -12.51 -11.45
N GLU B 655 30.30 -13.04 -10.58
CA GLU B 655 31.72 -12.69 -10.65
C GLU B 655 32.35 -12.92 -12.02
N PHE B 656 31.79 -13.82 -12.81
CA PHE B 656 32.32 -14.07 -14.15
C PHE B 656 32.03 -12.88 -15.07
N MET B 657 31.15 -12.00 -14.65
CA MET B 657 30.80 -10.82 -15.45
C MET B 657 31.49 -9.58 -14.87
N ARG B 658 32.28 -9.78 -13.82
CA ARG B 658 32.99 -8.67 -13.17
C ARG B 658 34.50 -8.81 -13.22
N ARG B 659 34.99 -10.03 -13.01
CA ARG B 659 36.43 -10.30 -13.01
C ARG B 659 37.10 -9.87 -14.31
N PRO B 660 38.14 -9.02 -14.21
CA PRO B 660 38.85 -8.54 -15.40
C PRO B 660 39.70 -9.63 -16.06
N THR B 678 22.90 -27.11 -13.26
CA THR B 678 21.83 -27.80 -12.47
C THR B 678 20.56 -28.02 -13.29
N THR B 679 19.86 -29.12 -12.99
CA THR B 679 18.63 -29.45 -13.69
C THR B 679 17.46 -29.27 -12.74
N LEU B 680 16.49 -28.48 -13.18
CA LEU B 680 15.30 -28.18 -12.38
C LEU B 680 14.06 -28.87 -12.95
N SER B 681 13.29 -29.47 -12.06
CA SER B 681 12.05 -30.14 -12.46
C SER B 681 10.94 -29.58 -11.60
N ILE B 682 9.85 -29.17 -12.25
CA ILE B 682 8.72 -28.66 -11.51
C ILE B 682 7.43 -29.32 -12.00
N THR B 683 6.68 -29.87 -11.06
CA THR B 683 5.43 -30.51 -11.40
C THR B 683 4.29 -29.65 -10.89
N VAL B 684 3.42 -29.21 -11.79
CA VAL B 684 2.25 -28.42 -11.43
C VAL B 684 1.20 -29.46 -11.07
N ILE B 685 0.93 -29.59 -9.78
CA ILE B 685 -0.03 -30.58 -9.29
C ILE B 685 -1.46 -30.10 -9.25
N SER B 686 -1.71 -29.00 -8.55
CA SER B 686 -3.07 -28.49 -8.44
C SER B 686 -3.09 -27.01 -8.07
N GLY B 687 -4.29 -26.44 -8.01
CA GLY B 687 -4.44 -25.04 -7.68
C GLY B 687 -5.64 -24.84 -6.78
N GLN B 688 -5.62 -23.78 -5.97
CA GLN B 688 -6.73 -23.48 -5.06
C GLN B 688 -7.23 -22.05 -5.26
N PHE B 689 -8.55 -21.90 -5.27
CA PHE B 689 -9.20 -20.60 -5.44
C PHE B 689 -8.47 -19.71 -6.45
N LEU B 690 -8.25 -20.26 -7.63
CA LEU B 690 -7.52 -19.55 -8.69
C LEU B 690 -8.22 -18.35 -9.27
N SER B 691 -9.55 -18.39 -9.30
CA SER B 691 -10.34 -17.30 -9.87
C SER B 691 -11.57 -17.03 -9.02
N GLU B 692 -12.08 -15.80 -9.08
CA GLU B 692 -13.27 -15.45 -8.32
C GLU B 692 -14.50 -16.04 -9.01
N ARG B 693 -14.30 -16.62 -10.18
CA ARG B 693 -15.40 -17.25 -10.90
C ARG B 693 -15.00 -18.65 -11.34
N SER B 694 -15.99 -19.44 -11.76
CA SER B 694 -15.74 -20.80 -12.22
C SER B 694 -15.40 -20.78 -13.70
N VAL B 695 -14.13 -20.99 -14.00
CA VAL B 695 -13.66 -20.99 -15.38
C VAL B 695 -12.51 -21.99 -15.45
N ARG B 696 -12.26 -22.53 -16.64
CA ARG B 696 -11.16 -23.47 -16.81
C ARG B 696 -9.88 -22.66 -16.73
N THR B 697 -8.84 -23.27 -16.21
CA THR B 697 -7.56 -22.57 -16.07
C THR B 697 -6.40 -23.41 -16.60
N TYR B 698 -5.25 -22.75 -16.77
CA TYR B 698 -4.04 -23.43 -17.21
C TYR B 698 -2.83 -22.70 -16.65
N VAL B 699 -1.70 -23.39 -16.63
CA VAL B 699 -0.47 -22.82 -16.10
C VAL B 699 0.66 -22.91 -17.13
N GLU B 700 1.45 -21.84 -17.22
CA GLU B 700 2.60 -21.80 -18.12
C GLU B 700 3.86 -21.74 -17.29
N VAL B 701 4.89 -22.46 -17.72
CA VAL B 701 6.16 -22.47 -17.01
C VAL B 701 7.30 -22.37 -18.02
N GLU B 702 8.21 -21.46 -17.78
CA GLU B 702 9.35 -21.29 -18.68
C GLU B 702 10.53 -20.73 -17.90
N LEU B 703 11.69 -20.69 -18.55
CA LEU B 703 12.89 -20.19 -17.89
C LEU B 703 13.50 -19.03 -18.64
N PHE B 704 13.91 -18.01 -17.88
CA PHE B 704 14.59 -16.84 -18.44
C PHE B 704 16.03 -17.03 -17.99
N GLY B 705 16.95 -17.04 -18.95
CA GLY B 705 18.35 -17.24 -18.61
C GLY B 705 19.29 -16.96 -19.75
N LEU B 706 20.46 -17.59 -19.70
CA LEU B 706 21.48 -17.43 -20.72
C LEU B 706 21.06 -18.06 -22.04
N PRO B 707 21.74 -17.69 -23.14
CA PRO B 707 21.41 -18.24 -24.45
C PRO B 707 21.49 -19.77 -24.47
N GLY B 708 22.44 -20.31 -23.72
CA GLY B 708 22.61 -21.75 -23.68
C GLY B 708 21.75 -22.46 -22.65
N ASP B 709 20.88 -21.72 -21.97
CA ASP B 709 20.01 -22.33 -20.96
C ASP B 709 18.84 -23.04 -21.64
N PRO B 710 18.19 -23.97 -20.93
CA PRO B 710 17.05 -24.67 -21.54
C PRO B 710 15.98 -23.69 -22.02
N LYS B 711 15.60 -23.79 -23.28
CA LYS B 711 14.60 -22.90 -23.86
C LYS B 711 13.19 -23.45 -24.01
N ARG B 712 12.99 -24.72 -23.70
CA ARG B 712 11.65 -25.30 -23.84
C ARG B 712 10.64 -24.62 -22.92
N ARG B 713 9.46 -24.33 -23.45
CA ARG B 713 8.38 -23.68 -22.72
C ARG B 713 7.27 -24.69 -22.48
N TYR B 714 6.61 -24.63 -21.33
CA TYR B 714 5.53 -25.58 -21.05
C TYR B 714 4.22 -24.91 -20.72
N ARG B 715 3.15 -25.55 -21.16
CA ARG B 715 1.82 -25.09 -20.86
C ARG B 715 1.03 -26.29 -20.43
N THR B 716 0.44 -26.14 -19.27
CA THR B 716 -0.39 -27.15 -18.66
C THR B 716 -1.62 -27.36 -19.55
N LYS B 717 -2.23 -28.53 -19.43
CA LYS B 717 -3.45 -28.83 -20.17
C LYS B 717 -4.53 -28.01 -19.45
N LEU B 718 -5.65 -27.73 -20.07
CA LEU B 718 -6.70 -26.98 -19.36
C LEU B 718 -7.14 -27.77 -18.14
N SER B 719 -7.59 -27.08 -17.10
CA SER B 719 -8.07 -27.76 -15.90
C SER B 719 -9.22 -28.67 -16.34
N PRO B 720 -9.40 -29.81 -15.65
CA PRO B 720 -10.49 -30.73 -16.03
C PRO B 720 -11.89 -30.16 -16.21
N SER B 721 -12.22 -29.06 -15.52
CA SER B 721 -13.55 -28.45 -15.66
C SER B 721 -13.50 -26.99 -15.25
N THR B 722 -14.68 -26.36 -15.15
CA THR B 722 -14.76 -24.96 -14.77
C THR B 722 -14.52 -24.79 -13.26
N ASN B 723 -14.22 -25.89 -12.58
CA ASN B 723 -13.93 -25.87 -11.15
C ASN B 723 -12.61 -25.12 -10.93
N SER B 724 -12.67 -23.97 -10.29
CA SER B 724 -11.47 -23.19 -10.02
C SER B 724 -11.14 -23.17 -8.52
N ILE B 725 -11.99 -23.80 -7.71
CA ILE B 725 -11.74 -23.82 -6.27
C ILE B 725 -10.59 -24.77 -5.94
N ASN B 726 -10.61 -25.95 -6.54
CA ASN B 726 -9.54 -26.92 -6.30
C ASN B 726 -9.23 -27.82 -7.50
N PRO B 727 -8.92 -27.21 -8.66
CA PRO B 727 -8.61 -28.04 -9.82
C PRO B 727 -7.34 -28.85 -9.60
N VAL B 728 -7.30 -30.05 -10.17
CA VAL B 728 -6.14 -30.91 -10.07
C VAL B 728 -5.75 -31.35 -11.48
N TRP B 729 -4.49 -31.11 -11.84
CA TRP B 729 -3.97 -31.48 -13.16
C TRP B 729 -3.29 -32.84 -13.08
N LYS B 730 -3.00 -33.41 -14.25
CA LYS B 730 -2.32 -34.71 -14.34
C LYS B 730 -1.15 -34.51 -15.29
N GLU B 731 -0.21 -33.68 -14.87
CA GLU B 731 0.95 -33.35 -15.69
C GLU B 731 2.22 -34.10 -15.30
N GLU B 732 3.10 -34.28 -16.28
CA GLU B 732 4.39 -34.91 -16.04
C GLU B 732 5.26 -33.74 -15.58
N PRO B 733 6.40 -34.03 -14.96
CA PRO B 733 7.27 -32.94 -14.50
C PRO B 733 7.72 -32.08 -15.70
N PHE B 734 7.81 -30.77 -15.49
CA PHE B 734 8.29 -29.86 -16.53
C PHE B 734 9.77 -29.71 -16.20
N VAL B 735 10.63 -30.18 -17.11
CA VAL B 735 12.07 -30.15 -16.87
C VAL B 735 12.89 -29.06 -17.57
N PHE B 736 13.84 -28.50 -16.84
CA PHE B 736 14.75 -27.49 -17.37
C PHE B 736 16.16 -28.03 -17.13
N GLU B 737 16.72 -28.68 -18.14
CA GLU B 737 18.04 -29.28 -18.02
C GLU B 737 19.24 -28.39 -18.25
N LYS B 738 20.31 -28.69 -17.51
CA LYS B 738 21.57 -27.98 -17.60
C LYS B 738 21.50 -26.46 -17.54
N ILE B 739 20.94 -25.92 -16.45
CA ILE B 739 20.88 -24.49 -16.27
C ILE B 739 22.32 -24.14 -15.91
N LEU B 740 22.99 -23.38 -16.78
CA LEU B 740 24.38 -23.01 -16.60
C LEU B 740 24.72 -22.19 -15.35
N MET B 741 24.05 -21.05 -15.18
CA MET B 741 24.30 -20.20 -14.02
C MET B 741 23.01 -19.78 -13.33
N PRO B 742 22.55 -20.61 -12.36
CA PRO B 742 21.33 -20.39 -11.56
C PRO B 742 21.12 -18.96 -11.13
N GLU B 743 22.22 -18.29 -10.80
CA GLU B 743 22.21 -16.91 -10.35
C GLU B 743 21.61 -15.96 -11.39
N LEU B 744 21.87 -16.25 -12.66
CA LEU B 744 21.37 -15.40 -13.74
C LEU B 744 20.01 -15.81 -14.30
N ALA B 745 19.51 -16.99 -13.92
CA ALA B 745 18.23 -17.47 -14.45
C ALA B 745 17.07 -17.36 -13.46
N SER B 746 15.86 -17.29 -14.00
CA SER B 746 14.67 -17.21 -13.18
C SER B 746 13.55 -18.09 -13.76
N LEU B 747 12.75 -18.66 -12.87
CA LEU B 747 11.64 -19.51 -13.28
C LEU B 747 10.32 -18.76 -13.25
N ARG B 748 9.56 -18.84 -14.35
CA ARG B 748 8.27 -18.20 -14.46
C ARG B 748 7.14 -19.22 -14.40
N VAL B 749 6.22 -19.04 -13.45
CA VAL B 749 5.06 -19.92 -13.31
C VAL B 749 3.88 -18.95 -13.33
N ALA B 750 3.07 -19.00 -14.38
CA ALA B 750 1.93 -18.10 -14.52
C ALA B 750 0.61 -18.83 -14.71
N VAL B 751 -0.41 -18.38 -13.99
CA VAL B 751 -1.74 -18.99 -14.06
C VAL B 751 -2.69 -18.10 -14.84
N MET B 752 -3.35 -18.68 -15.83
CA MET B 752 -4.32 -17.98 -16.67
C MET B 752 -5.62 -18.75 -16.75
N GLU B 753 -6.72 -18.06 -17.00
CA GLU B 753 -7.96 -18.77 -17.17
C GLU B 753 -8.08 -18.97 -18.68
N GLU B 754 -8.88 -19.95 -19.09
CA GLU B 754 -9.07 -20.20 -20.52
C GLU B 754 -9.45 -18.86 -21.14
N GLY B 755 -8.77 -18.48 -22.22
CA GLY B 755 -9.05 -17.20 -22.83
C GLY B 755 -7.85 -16.29 -22.64
N ASN B 756 -6.90 -16.77 -21.82
CA ASN B 756 -5.66 -16.07 -21.55
C ASN B 756 -5.68 -14.90 -20.57
N LYS B 757 -6.70 -14.78 -19.73
CA LYS B 757 -6.72 -13.68 -18.77
C LYS B 757 -5.79 -14.04 -17.60
N PHE B 758 -4.89 -13.12 -17.28
CA PHE B 758 -3.94 -13.32 -16.18
C PHE B 758 -4.62 -13.45 -14.81
N LEU B 759 -4.27 -14.50 -14.07
CA LEU B 759 -4.82 -14.72 -12.74
C LEU B 759 -3.74 -14.49 -11.67
N GLY B 760 -2.54 -14.99 -11.92
CA GLY B 760 -1.46 -14.81 -10.95
C GLY B 760 -0.17 -15.46 -11.40
N HIS B 761 0.93 -15.08 -10.78
CA HIS B 761 2.23 -15.63 -11.16
C HIS B 761 3.33 -15.43 -10.14
N ARG B 762 4.48 -15.99 -10.46
CA ARG B 762 5.68 -15.88 -9.67
C ARG B 762 6.83 -16.03 -10.67
N ILE B 763 7.85 -15.19 -10.53
CA ILE B 763 9.04 -15.31 -11.37
C ILE B 763 10.10 -15.36 -10.28
N ILE B 764 10.83 -16.46 -10.22
CA ILE B 764 11.80 -16.65 -9.15
C ILE B 764 13.20 -17.05 -9.58
N PRO B 765 14.22 -16.26 -9.20
CA PRO B 765 15.59 -16.62 -9.58
C PRO B 765 15.87 -18.05 -9.09
N ILE B 766 16.47 -18.86 -9.94
CA ILE B 766 16.74 -20.26 -9.62
C ILE B 766 17.41 -20.53 -8.28
N ASN B 767 18.43 -19.75 -7.93
CA ASN B 767 19.14 -19.94 -6.67
C ASN B 767 18.32 -19.64 -5.42
N ALA B 768 17.14 -19.06 -5.57
CA ALA B 768 16.30 -18.73 -4.42
C ALA B 768 15.21 -19.77 -4.18
N LEU B 769 15.13 -20.76 -5.06
CA LEU B 769 14.11 -21.81 -4.95
C LEU B 769 14.47 -22.96 -4.03
N ASN B 770 13.50 -23.37 -3.21
CA ASN B 770 13.67 -24.51 -2.32
C ASN B 770 13.02 -25.69 -3.04
N SER B 771 13.41 -26.90 -2.68
CA SER B 771 12.86 -28.08 -3.32
C SER B 771 11.75 -28.68 -2.46
N GLY B 772 11.05 -29.65 -3.01
CA GLY B 772 9.97 -30.30 -2.26
C GLY B 772 8.59 -29.86 -2.70
N TYR B 773 7.58 -30.31 -1.96
CA TYR B 773 6.19 -29.95 -2.24
C TYR B 773 5.97 -28.57 -1.65
N HIS B 774 5.35 -27.69 -2.43
CA HIS B 774 5.13 -26.34 -1.96
C HIS B 774 3.81 -25.72 -2.37
N HIS B 775 3.37 -24.75 -1.59
CA HIS B 775 2.16 -24.02 -1.91
C HIS B 775 2.68 -22.68 -2.40
N LEU B 776 2.69 -22.54 -3.72
CA LEU B 776 3.17 -21.33 -4.36
C LEU B 776 2.08 -20.26 -4.31
N CYS B 777 2.27 -19.26 -3.45
CA CYS B 777 1.31 -18.16 -3.34
C CYS B 777 1.55 -17.25 -4.55
N LEU B 778 0.49 -16.96 -5.29
CA LEU B 778 0.62 -16.15 -6.50
C LEU B 778 0.62 -14.63 -6.30
N HIS B 779 1.30 -13.94 -7.23
CA HIS B 779 1.40 -12.47 -7.20
C HIS B 779 0.73 -11.88 -8.45
N SER B 780 0.45 -10.58 -8.40
CA SER B 780 -0.17 -9.88 -9.52
C SER B 780 0.93 -9.55 -10.54
N GLU B 781 0.55 -8.90 -11.64
CA GLU B 781 1.53 -8.53 -12.65
C GLU B 781 2.61 -7.63 -12.05
N SER B 782 2.21 -6.77 -11.11
CA SER B 782 3.15 -5.85 -10.47
C SER B 782 3.87 -6.46 -9.28
N ASN B 783 3.77 -7.78 -9.15
CA ASN B 783 4.41 -8.56 -8.10
C ASN B 783 3.85 -8.38 -6.68
N MET B 784 2.62 -7.90 -6.56
CA MET B 784 2.02 -7.74 -5.24
C MET B 784 1.35 -9.06 -4.87
N PRO B 785 1.40 -9.44 -3.58
CA PRO B 785 0.80 -10.71 -3.14
C PRO B 785 -0.72 -10.81 -3.23
N LEU B 786 -1.21 -11.90 -3.82
CA LEU B 786 -2.64 -12.14 -3.95
C LEU B 786 -3.06 -13.08 -2.81
N THR B 787 -4.22 -12.83 -2.23
CA THR B 787 -4.69 -13.64 -1.10
C THR B 787 -5.28 -15.00 -1.44
N MET B 788 -6.24 -15.04 -2.34
CA MET B 788 -6.92 -16.28 -2.71
C MET B 788 -6.19 -17.36 -3.53
N PRO B 789 -5.62 -17.00 -4.69
CA PRO B 789 -4.91 -17.95 -5.56
C PRO B 789 -3.59 -18.55 -5.10
N ALA B 790 -3.45 -19.84 -5.32
CA ALA B 790 -2.23 -20.55 -4.97
C ALA B 790 -2.11 -21.85 -5.77
N LEU B 791 -0.87 -22.26 -6.02
CA LEU B 791 -0.62 -23.50 -6.73
C LEU B 791 0.12 -24.47 -5.82
N PHE B 792 -0.18 -25.75 -5.97
CA PHE B 792 0.50 -26.79 -5.19
C PHE B 792 1.48 -27.40 -6.18
N ILE B 793 2.76 -27.36 -5.88
CA ILE B 793 3.76 -27.89 -6.80
C ILE B 793 4.80 -28.77 -6.14
N PHE B 794 5.62 -29.42 -6.95
CA PHE B 794 6.71 -30.26 -6.45
C PHE B 794 7.97 -29.88 -7.21
N LEU B 795 8.97 -29.39 -6.49
CA LEU B 795 10.23 -28.99 -7.08
C LEU B 795 11.35 -29.99 -6.77
N GLU B 796 12.25 -30.15 -7.74
CA GLU B 796 13.38 -31.05 -7.58
C GLU B 796 14.59 -30.45 -8.29
N MET B 797 15.70 -30.32 -7.56
CA MET B 797 16.94 -29.75 -8.10
C MET B 797 17.97 -30.86 -8.14
N LYS B 798 18.68 -30.99 -9.25
CA LYS B 798 19.71 -32.02 -9.39
C LYS B 798 20.88 -31.54 -10.23
N ASP B 799 22.04 -32.14 -10.02
CA ASP B 799 23.23 -31.76 -10.77
C ASP B 799 23.52 -32.81 -11.84
MG MG C . -16.25 13.60 28.74
PG GSP D . -16.25 17.16 27.94
O3B GSP D . -16.91 17.03 29.44
S1G GSP D . -14.75 18.22 28.31
O2G GSP D . -16.14 15.72 27.58
O3G GSP D . -17.06 18.07 27.07
PB GSP D . -18.31 16.18 29.79
O1B GSP D . -19.33 17.17 29.44
O2B GSP D . -18.54 14.85 29.18
PA GSP D . -18.17 14.56 32.13
O1A GSP D . -19.34 13.68 31.90
O2A GSP D . -16.78 14.10 31.87
O3A GSP D . -18.29 15.92 31.38
O5' GSP D . -18.22 15.14 33.67
C5' GSP D . -17.20 16.07 34.18
C4' GSP D . -17.19 15.99 35.69
O4' GSP D . -18.57 16.04 36.21
C3' GSP D . -16.61 14.62 36.18
O3' GSP D . -15.67 14.92 37.26
C2' GSP D . -17.86 13.83 36.73
O2' GSP D . -17.55 12.94 37.81
C1' GSP D . -18.85 14.98 37.16
N9 GSP D . -20.30 14.62 36.94
C8 GSP D . -21.01 14.24 35.82
N7 GSP D . -22.27 13.99 36.01
C5 GSP D . -22.43 14.24 37.38
C6 GSP D . -23.64 14.12 38.17
O6 GSP D . -24.72 13.77 37.69
N1 GSP D . -23.37 14.45 39.50
C2 GSP D . -22.14 14.84 40.05
N2 GSP D . -22.04 15.12 41.35
N3 GSP D . -21.00 14.93 39.30
C4 GSP D . -21.23 14.62 37.96
CA CA E . 13.09 10.30 -23.22
#